data_7T1D
#
_entry.id   7T1D
#
_cell.length_a   36.775
_cell.length_b   55.980
_cell.length_c   139.576
_cell.angle_alpha   90.000
_cell.angle_beta   94.462
_cell.angle_gamma   90.000
#
_symmetry.space_group_name_H-M   'P 1 21 1'
#
loop_
_entity.id
_entity.type
_entity.pdbx_description
1 polymer 'NAD-dependent protein deacetylase sirtuin-2'
2 non-polymer 'ZINC ION'
3 non-polymer 'SULFATE ION'
4 non-polymer 1,2-ETHANEDIOL
5 non-polymer 'DIMETHYL SULFOXIDE'
6 non-polymer 7-(2,4-dimethyl-1H-imidazol-1-yl)-2-(5-{[4-(1H-pyrazol-1-yl)phenyl]methyl}-1,3-thiazol-2-yl)-1,2,3,4-tetrahydroisoquinoline
7 water water
#
_entity_poly.entity_id   1
_entity_poly.type   'polypeptide(L)'
_entity_poly.pdbx_seq_one_letter_code
;ERLLDELTLEGVARYMQSERCRRVICLVGAGISTSAGIPDFRSPSTGLYDNLEKYHLPYPEAIFEISYFKKHPEPFFALA
KELYPGQFKPTICHYFMRLLKDKGLLLRCYTQNIDTLERIAGLEQEDLVEAHGTFYTSHCVSASCRHEYPLSWMKEKIFS
EVTPKCEDCQSLVKPDIVFFGESLPARFFSCMQSDFLKVDLLLVMGTSLQVQPFASLISKAPLSTPRLLINKEKAGQSDP
FLGMIMGLGGGMDFDSKKAYRDVAWLGECDQGCLALAELLGWKKELEDLVRREHASIDAQS
;
_entity_poly.pdbx_strand_id   A,B
#
loop_
_chem_comp.id
_chem_comp.type
_chem_comp.name
_chem_comp.formula
DMS non-polymer 'DIMETHYL SULFOXIDE' 'C2 H6 O S'
E7K non-polymer 7-(2,4-dimethyl-1H-imidazol-1-yl)-2-(5-{[4-(1H-pyrazol-1-yl)phenyl]methyl}-1,3-thiazol-2-yl)-1,2,3,4-tetrahydroisoquinoline 'C27 H26 N6 S'
EDO non-polymer 1,2-ETHANEDIOL 'C2 H6 O2'
SO4 non-polymer 'SULFATE ION' 'O4 S -2'
ZN non-polymer 'ZINC ION' 'Zn 2'
#
# COMPACT_ATOMS: atom_id res chain seq x y z
N GLU A 1 -22.70 -23.46 7.77
CA GLU A 1 -23.49 -23.80 6.54
C GLU A 1 -22.60 -23.72 5.30
N ARG A 2 -22.57 -24.81 4.51
CA ARG A 2 -21.77 -24.95 3.27
C ARG A 2 -22.70 -24.93 2.06
N LEU A 3 -22.74 -23.83 1.31
CA LEU A 3 -23.62 -23.68 0.13
C LEU A 3 -22.96 -24.31 -1.11
N LEU A 4 -21.63 -24.40 -1.19
CA LEU A 4 -20.94 -25.10 -2.30
C LEU A 4 -20.90 -26.61 -1.99
N ASP A 5 -21.20 -27.47 -2.97
CA ASP A 5 -21.04 -28.94 -2.84
C ASP A 5 -19.56 -29.28 -2.84
N GLU A 6 -18.74 -28.48 -3.53
CA GLU A 6 -17.28 -28.69 -3.60
C GLU A 6 -16.59 -27.35 -3.94
N LEU A 7 -15.36 -27.21 -3.47
CA LEU A 7 -14.56 -25.96 -3.55
C LEU A 7 -13.79 -25.96 -4.87
N THR A 8 -14.52 -25.93 -5.99
CA THR A 8 -13.94 -25.96 -7.37
C THR A 8 -14.70 -24.99 -8.24
N LEU A 9 -14.15 -24.65 -9.40
CA LEU A 9 -14.87 -23.87 -10.42
C LEU A 9 -16.17 -24.58 -10.77
N GLU A 10 -16.15 -25.92 -10.85
N GLU A 10 -16.15 -25.92 -10.85
CA GLU A 10 -17.34 -26.75 -11.17
CA GLU A 10 -17.33 -26.77 -11.17
C GLU A 10 -18.40 -26.55 -10.07
C GLU A 10 -18.39 -26.56 -10.08
N GLY A 11 -18.00 -26.57 -8.80
CA GLY A 11 -18.92 -26.33 -7.66
C GLY A 11 -19.53 -24.94 -7.69
N VAL A 12 -18.76 -23.91 -8.04
CA VAL A 12 -19.30 -22.54 -8.17
C VAL A 12 -20.31 -22.49 -9.32
N ALA A 13 -19.99 -23.06 -10.48
CA ALA A 13 -20.91 -23.05 -11.65
C ALA A 13 -22.23 -23.75 -11.27
N ARG A 14 -22.17 -24.92 -10.65
CA ARG A 14 -23.37 -25.68 -10.20
C ARG A 14 -24.19 -24.80 -9.27
N TYR A 15 -23.53 -24.13 -8.32
CA TYR A 15 -24.18 -23.23 -7.34
C TYR A 15 -24.87 -22.10 -8.10
N MET A 16 -24.17 -21.46 -9.04
CA MET A 16 -24.72 -20.32 -9.83
C MET A 16 -26.01 -20.71 -10.57
N GLN A 17 -26.07 -21.95 -11.05
CA GLN A 17 -27.19 -22.47 -11.88
C GLN A 17 -28.31 -22.97 -10.97
N SER A 18 -28.06 -23.09 -9.66
CA SER A 18 -29.06 -23.56 -8.67
C SER A 18 -30.01 -22.41 -8.29
N GLU A 19 -31.18 -22.74 -7.75
CA GLU A 19 -32.17 -21.72 -7.34
C GLU A 19 -31.59 -20.84 -6.22
N ARG A 20 -30.68 -21.38 -5.42
CA ARG A 20 -30.11 -20.71 -4.22
C ARG A 20 -29.31 -19.46 -4.64
N CYS A 21 -28.72 -19.48 -5.85
CA CYS A 21 -27.83 -18.38 -6.31
C CYS A 21 -28.55 -17.53 -7.35
N ARG A 22 -29.08 -16.38 -6.92
CA ARG A 22 -29.79 -15.44 -7.81
C ARG A 22 -29.01 -14.13 -7.99
N ARG A 23 -28.17 -13.77 -7.02
N ARG A 23 -28.17 -13.76 -7.02
CA ARG A 23 -27.58 -12.40 -6.91
CA ARG A 23 -27.58 -12.40 -6.91
C ARG A 23 -26.05 -12.52 -6.80
C ARG A 23 -26.05 -12.52 -6.80
N VAL A 24 -25.32 -12.19 -7.87
CA VAL A 24 -23.85 -12.22 -7.88
C VAL A 24 -23.34 -10.79 -7.76
N ILE A 25 -22.35 -10.58 -6.88
CA ILE A 25 -21.56 -9.32 -6.85
C ILE A 25 -20.20 -9.64 -7.45
N CYS A 26 -19.76 -8.80 -8.39
CA CYS A 26 -18.35 -8.83 -8.88
C CYS A 26 -17.56 -7.71 -8.22
N LEU A 27 -16.36 -8.02 -7.71
CA LEU A 27 -15.35 -7.01 -7.32
C LEU A 27 -14.24 -7.13 -8.34
N VAL A 28 -14.00 -6.10 -9.13
CA VAL A 28 -13.00 -6.18 -10.22
C VAL A 28 -11.98 -5.05 -10.06
N GLY A 29 -10.72 -5.39 -10.32
CA GLY A 29 -9.64 -4.39 -10.33
C GLY A 29 -8.78 -4.47 -11.57
N ALA A 30 -7.58 -3.91 -11.48
CA ALA A 30 -6.71 -3.61 -12.63
C ALA A 30 -6.45 -4.88 -13.45
N GLY A 31 -6.42 -6.05 -12.82
CA GLY A 31 -6.16 -7.36 -13.48
C GLY A 31 -7.17 -7.70 -14.56
N ILE A 32 -8.36 -7.09 -14.57
CA ILE A 32 -9.35 -7.42 -15.64
C ILE A 32 -9.13 -6.51 -16.86
N SER A 33 -8.23 -5.53 -16.80
CA SER A 33 -8.05 -4.54 -17.90
C SER A 33 -6.63 -4.60 -18.46
N THR A 34 -5.74 -5.37 -17.86
CA THR A 34 -4.34 -5.43 -18.36
C THR A 34 -4.32 -6.05 -19.76
N SER A 35 -5.17 -7.04 -20.06
CA SER A 35 -5.19 -7.72 -21.38
C SER A 35 -5.77 -6.78 -22.44
N ALA A 36 -6.42 -5.70 -22.02
CA ALA A 36 -6.91 -4.61 -22.89
C ALA A 36 -5.88 -3.46 -22.97
N GLY A 37 -4.72 -3.60 -22.35
CA GLY A 37 -3.60 -2.64 -22.47
C GLY A 37 -3.75 -1.44 -21.56
N ILE A 38 -4.60 -1.57 -20.53
CA ILE A 38 -4.78 -0.50 -19.52
C ILE A 38 -3.77 -0.72 -18.40
N PRO A 39 -2.82 0.23 -18.21
CA PRO A 39 -1.83 0.11 -17.16
C PRO A 39 -2.50 0.09 -15.78
N ASP A 40 -1.90 -0.62 -14.84
CA ASP A 40 -2.28 -0.59 -13.41
C ASP A 40 -1.78 0.75 -12.88
N PHE A 41 -2.69 1.73 -12.75
CA PHE A 41 -2.32 3.14 -12.49
C PHE A 41 -1.75 3.29 -11.06
N ARG A 42 -1.78 2.23 -10.25
CA ARG A 42 -1.24 2.21 -8.86
C ARG A 42 0.19 1.68 -8.86
N SER A 43 0.39 0.39 -9.11
CA SER A 43 1.65 -0.36 -8.86
C SER A 43 2.81 0.24 -9.67
N GLY A 47 6.72 1.21 -14.71
CA GLY A 47 7.39 2.30 -13.98
C GLY A 47 6.86 3.67 -14.39
N LEU A 48 5.67 4.03 -13.90
CA LEU A 48 4.93 5.28 -14.25
C LEU A 48 5.36 6.48 -13.37
N TYR A 49 6.18 6.22 -12.35
CA TYR A 49 6.81 7.23 -11.45
C TYR A 49 8.04 7.85 -12.12
N ASP A 50 8.57 7.20 -13.16
CA ASP A 50 9.80 7.58 -13.93
C ASP A 50 9.58 8.88 -14.72
N ASN A 51 8.52 8.93 -15.55
CA ASN A 51 8.25 10.08 -16.46
C ASN A 51 7.48 11.18 -15.71
N LEU A 52 7.26 11.04 -14.38
CA LEU A 52 6.70 12.10 -13.50
C LEU A 52 7.77 13.14 -13.19
N GLU A 53 9.05 12.72 -13.20
CA GLU A 53 10.20 13.63 -13.01
C GLU A 53 9.98 14.91 -13.84
N LYS A 54 9.52 14.77 -15.09
CA LYS A 54 9.49 15.89 -16.06
C LYS A 54 8.52 17.01 -15.62
N TYR A 55 7.65 16.78 -14.63
CA TYR A 55 6.58 17.74 -14.23
C TYR A 55 7.00 18.63 -13.05
N HIS A 56 8.11 18.35 -12.37
CA HIS A 56 8.66 19.23 -11.31
C HIS A 56 7.64 19.22 -10.16
N LEU A 57 7.01 18.07 -9.95
CA LEU A 57 6.02 17.87 -8.85
C LEU A 57 6.75 17.97 -7.50
N PRO A 58 6.08 18.50 -6.46
CA PRO A 58 6.66 18.55 -5.12
C PRO A 58 6.79 17.16 -4.48
N TYR A 59 5.98 16.20 -4.90
CA TYR A 59 6.10 14.77 -4.55
C TYR A 59 5.37 13.99 -5.64
N PRO A 60 5.77 12.75 -5.97
CA PRO A 60 5.22 12.08 -7.15
C PRO A 60 3.68 11.99 -7.13
N GLU A 61 3.09 11.75 -5.96
CA GLU A 61 1.64 11.48 -5.86
C GLU A 61 0.84 12.80 -5.96
N ALA A 62 1.51 13.96 -5.98
CA ALA A 62 0.88 15.30 -6.09
C ALA A 62 0.01 15.32 -7.36
N ILE A 63 0.41 14.57 -8.39
CA ILE A 63 -0.31 14.56 -9.69
C ILE A 63 -1.72 13.98 -9.51
N PHE A 64 -1.95 13.22 -8.44
CA PHE A 64 -3.27 12.62 -8.18
C PHE A 64 -3.88 13.16 -6.90
N GLU A 65 -3.40 14.30 -6.40
CA GLU A 65 -3.91 14.85 -5.13
C GLU A 65 -4.77 16.07 -5.42
N ILE A 66 -5.95 16.11 -4.82
CA ILE A 66 -7.01 17.08 -5.22
C ILE A 66 -6.58 18.53 -4.96
N SER A 67 -5.95 18.82 -3.81
N SER A 67 -5.95 18.83 -3.81
CA SER A 67 -5.51 20.20 -3.47
CA SER A 67 -5.50 20.20 -3.46
C SER A 67 -4.47 20.69 -4.49
C SER A 67 -4.46 20.69 -4.49
N TYR A 68 -3.52 19.84 -4.86
CA TYR A 68 -2.48 20.18 -5.86
C TYR A 68 -3.14 20.35 -7.21
N PHE A 69 -4.02 19.41 -7.60
CA PHE A 69 -4.73 19.44 -8.89
C PHE A 69 -5.40 20.80 -9.09
N LYS A 70 -6.12 21.28 -8.05
CA LYS A 70 -6.94 22.50 -8.19
C LYS A 70 -6.05 23.74 -8.37
N LYS A 71 -4.81 23.70 -7.88
CA LYS A 71 -3.83 24.82 -7.97
C LYS A 71 -3.01 24.71 -9.26
N HIS A 72 -2.69 23.49 -9.69
CA HIS A 72 -1.77 23.20 -10.81
C HIS A 72 -2.31 21.98 -11.54
N PRO A 73 -3.37 22.14 -12.34
CA PRO A 73 -3.96 21.02 -13.07
C PRO A 73 -3.17 20.53 -14.29
N GLU A 74 -2.20 21.32 -14.76
CA GLU A 74 -1.54 21.04 -16.06
C GLU A 74 -0.80 19.71 -16.02
N PRO A 75 0.01 19.37 -15.00
CA PRO A 75 0.69 18.07 -15.01
C PRO A 75 -0.28 16.90 -15.16
N PHE A 76 -1.37 16.90 -14.38
CA PHE A 76 -2.36 15.81 -14.49
C PHE A 76 -2.82 15.67 -15.95
N PHE A 77 -3.24 16.75 -16.58
CA PHE A 77 -3.82 16.68 -17.94
C PHE A 77 -2.74 16.30 -18.97
N ALA A 78 -1.47 16.61 -18.71
CA ALA A 78 -0.36 16.22 -19.62
C ALA A 78 -0.15 14.71 -19.51
N LEU A 79 -0.14 14.16 -18.29
CA LEU A 79 -0.04 12.70 -18.07
C LEU A 79 -1.30 12.02 -18.66
N ALA A 80 -2.46 12.63 -18.52
CA ALA A 80 -3.71 12.07 -19.06
C ALA A 80 -3.61 11.94 -20.58
N LYS A 81 -2.95 12.87 -21.25
CA LYS A 81 -2.76 12.75 -22.72
C LYS A 81 -1.83 11.55 -23.01
N GLU A 82 -0.70 11.49 -22.30
CA GLU A 82 0.32 10.41 -22.45
C GLU A 82 -0.32 9.03 -22.28
N LEU A 83 -1.21 8.84 -21.29
CA LEU A 83 -1.70 7.50 -20.89
C LEU A 83 -3.12 7.26 -21.40
N TYR A 84 -3.71 8.20 -22.15
CA TYR A 84 -5.07 8.04 -22.71
C TYR A 84 -5.06 6.80 -23.58
N PRO A 85 -5.91 5.79 -23.28
CA PRO A 85 -5.94 4.58 -24.08
C PRO A 85 -6.16 4.85 -25.57
N GLY A 86 -5.35 4.16 -26.39
CA GLY A 86 -5.46 4.21 -27.85
C GLY A 86 -6.69 3.51 -28.37
N GLN A 87 -7.21 2.52 -27.65
CA GLN A 87 -8.45 1.84 -28.06
C GLN A 87 -9.14 1.35 -26.79
N PHE A 88 -10.44 1.13 -26.92
CA PHE A 88 -11.34 0.74 -25.81
C PHE A 88 -12.00 -0.57 -26.23
N LYS A 89 -11.30 -1.68 -26.04
CA LYS A 89 -11.81 -3.04 -26.37
C LYS A 89 -11.91 -3.82 -25.06
N PRO A 90 -13.14 -3.92 -24.49
CA PRO A 90 -13.30 -4.64 -23.25
C PRO A 90 -12.83 -6.08 -23.41
N THR A 91 -12.41 -6.68 -22.31
CA THR A 91 -11.85 -8.05 -22.26
C THR A 91 -12.98 -9.08 -22.16
N ILE A 92 -12.60 -10.34 -22.35
CA ILE A 92 -13.47 -11.53 -22.14
C ILE A 92 -14.15 -11.38 -20.76
N CYS A 93 -13.38 -11.01 -19.76
N CYS A 93 -13.38 -11.00 -19.76
CA CYS A 93 -13.85 -10.84 -18.35
CA CYS A 93 -13.86 -10.84 -18.36
C CYS A 93 -14.94 -9.75 -18.29
C CYS A 93 -14.94 -9.76 -18.28
N HIS A 94 -14.76 -8.61 -18.94
CA HIS A 94 -15.80 -7.54 -19.03
C HIS A 94 -17.09 -8.11 -19.64
N TYR A 95 -16.95 -8.86 -20.74
CA TYR A 95 -18.11 -9.41 -21.47
C TYR A 95 -18.75 -10.54 -20.65
N PHE A 96 -17.98 -11.25 -19.85
CA PHE A 96 -18.53 -12.26 -18.91
C PHE A 96 -19.51 -11.57 -17.95
N MET A 97 -19.16 -10.38 -17.43
CA MET A 97 -20.08 -9.63 -16.55
C MET A 97 -21.30 -9.13 -17.32
N ARG A 98 -21.17 -8.79 -18.61
CA ARG A 98 -22.33 -8.42 -19.46
C ARG A 98 -23.29 -9.61 -19.52
N LEU A 99 -22.78 -10.83 -19.66
CA LEU A 99 -23.67 -12.02 -19.70
C LEU A 99 -24.40 -12.13 -18.36
N LEU A 100 -23.69 -11.92 -17.24
CA LEU A 100 -24.31 -11.98 -15.90
C LEU A 100 -25.51 -11.03 -15.87
N LYS A 101 -25.37 -9.81 -16.40
CA LYS A 101 -26.42 -8.76 -16.43
C LYS A 101 -27.60 -9.26 -17.29
N ASP A 102 -27.30 -9.67 -18.51
CA ASP A 102 -28.32 -10.14 -19.51
C ASP A 102 -29.12 -11.32 -18.94
N LYS A 103 -28.47 -12.19 -18.16
CA LYS A 103 -29.06 -13.44 -17.61
C LYS A 103 -29.66 -13.23 -16.23
N GLY A 104 -29.76 -11.98 -15.77
CA GLY A 104 -30.43 -11.60 -14.51
C GLY A 104 -29.70 -12.08 -13.27
N LEU A 105 -28.39 -12.37 -13.35
CA LEU A 105 -27.57 -12.86 -12.20
C LEU A 105 -26.80 -11.72 -11.53
N LEU A 106 -26.57 -10.62 -12.23
CA LEU A 106 -25.70 -9.52 -11.71
C LEU A 106 -26.49 -8.59 -10.78
N LEU A 107 -26.21 -8.66 -9.48
CA LEU A 107 -26.69 -7.64 -8.53
C LEU A 107 -25.90 -6.36 -8.74
N ARG A 108 -24.57 -6.46 -8.75
CA ARG A 108 -23.72 -5.27 -8.93
C ARG A 108 -22.32 -5.70 -9.36
N CYS A 109 -21.72 -4.88 -10.20
CA CYS A 109 -20.27 -4.89 -10.47
C CYS A 109 -19.67 -3.70 -9.73
N TYR A 110 -18.88 -3.96 -8.68
CA TYR A 110 -18.01 -2.97 -8.02
C TYR A 110 -16.66 -3.00 -8.72
N THR A 111 -16.24 -1.88 -9.27
CA THR A 111 -14.95 -1.78 -9.97
C THR A 111 -14.10 -0.73 -9.27
N GLN A 112 -12.81 -1.01 -9.18
CA GLN A 112 -11.81 -0.03 -8.77
C GLN A 112 -11.11 0.50 -10.02
N ASN A 113 -11.57 0.14 -11.22
CA ASN A 113 -10.97 0.63 -12.49
C ASN A 113 -11.67 1.91 -12.94
N ILE A 114 -10.92 2.78 -13.61
CA ILE A 114 -11.41 4.12 -14.08
C ILE A 114 -11.52 4.15 -15.61
N ASP A 115 -11.27 3.02 -16.27
CA ASP A 115 -11.05 2.97 -17.74
C ASP A 115 -12.35 2.95 -18.57
N THR A 116 -13.51 2.77 -17.93
CA THR A 116 -14.87 2.80 -18.55
C THR A 116 -15.19 1.51 -19.32
N LEU A 117 -14.35 0.50 -19.30
CA LEU A 117 -14.56 -0.70 -20.15
C LEU A 117 -15.83 -1.46 -19.72
N GLU A 118 -16.23 -1.40 -18.44
CA GLU A 118 -17.50 -2.04 -18.00
C GLU A 118 -18.66 -1.44 -18.78
N ARG A 119 -18.68 -0.13 -18.92
CA ARG A 119 -19.76 0.61 -19.63
C ARG A 119 -19.71 0.31 -21.13
N ILE A 120 -18.51 0.25 -21.70
CA ILE A 120 -18.35 -0.06 -23.15
C ILE A 120 -18.89 -1.47 -23.40
N ALA A 121 -18.70 -2.40 -22.46
CA ALA A 121 -19.18 -3.80 -22.55
C ALA A 121 -20.71 -3.88 -22.34
N GLY A 122 -21.36 -2.81 -21.91
CA GLY A 122 -22.83 -2.69 -21.80
C GLY A 122 -23.38 -2.75 -20.38
N LEU A 123 -22.52 -2.77 -19.34
CA LEU A 123 -23.06 -2.54 -17.98
C LEU A 123 -23.52 -1.09 -17.87
N GLU A 124 -24.69 -0.87 -17.29
CA GLU A 124 -25.34 0.45 -17.18
C GLU A 124 -25.04 1.01 -15.80
N GLN A 125 -25.33 2.28 -15.58
CA GLN A 125 -25.10 2.92 -14.27
C GLN A 125 -25.69 2.04 -13.17
N GLU A 126 -26.91 1.50 -13.36
CA GLU A 126 -27.65 0.76 -12.30
C GLU A 126 -26.89 -0.52 -11.92
N ASP A 127 -26.09 -1.07 -12.83
CA ASP A 127 -25.33 -2.32 -12.64
C ASP A 127 -24.01 -2.05 -11.89
N LEU A 128 -23.60 -0.79 -11.83
CA LEU A 128 -22.19 -0.42 -11.51
C LEU A 128 -22.07 0.39 -10.22
N VAL A 129 -20.98 0.10 -9.50
CA VAL A 129 -20.41 1.01 -8.49
C VAL A 129 -18.93 1.19 -8.86
N GLU A 130 -18.62 2.38 -9.38
CA GLU A 130 -17.25 2.78 -9.75
C GLU A 130 -16.62 3.34 -8.47
N ALA A 131 -16.08 2.44 -7.65
CA ALA A 131 -15.63 2.73 -6.28
C ALA A 131 -14.44 3.70 -6.28
N HIS A 132 -13.62 3.73 -7.32
CA HIS A 132 -12.52 4.73 -7.45
C HIS A 132 -12.85 5.79 -8.52
N GLY A 133 -14.12 5.89 -8.87
CA GLY A 133 -14.62 6.86 -9.86
C GLY A 133 -14.35 6.40 -11.27
N THR A 134 -14.47 7.30 -12.23
CA THR A 134 -14.44 6.93 -13.67
C THR A 134 -14.13 8.15 -14.52
N PHE A 135 -13.45 7.91 -15.65
CA PHE A 135 -13.30 8.92 -16.73
C PHE A 135 -14.60 9.10 -17.54
N TYR A 136 -15.62 8.27 -17.34
CA TYR A 136 -16.84 8.29 -18.18
C TYR A 136 -17.49 9.68 -18.18
N THR A 137 -17.54 10.35 -17.02
CA THR A 137 -18.09 11.71 -16.88
C THR A 137 -17.08 12.56 -16.15
N SER A 138 -17.20 13.85 -16.36
CA SER A 138 -16.37 14.88 -15.72
C SER A 138 -17.32 15.97 -15.21
N HIS A 139 -16.91 16.70 -14.20
CA HIS A 139 -17.72 17.80 -13.64
C HIS A 139 -16.88 19.06 -13.42
N CYS A 140 -17.51 20.21 -13.69
CA CYS A 140 -17.08 21.50 -13.09
C CYS A 140 -16.86 21.28 -11.59
N VAL A 141 -15.74 21.79 -11.05
CA VAL A 141 -15.33 21.54 -9.64
C VAL A 141 -15.95 22.58 -8.70
N SER A 142 -16.60 23.60 -9.24
CA SER A 142 -17.33 24.62 -8.45
C SER A 142 -18.61 24.01 -7.88
N ALA A 143 -18.69 23.95 -6.53
CA ALA A 143 -19.79 23.37 -5.74
C ALA A 143 -21.16 23.84 -6.25
N SER A 144 -21.28 25.10 -6.63
CA SER A 144 -22.56 25.73 -7.00
C SER A 144 -22.87 25.55 -8.49
N CYS A 145 -21.99 24.90 -9.27
CA CYS A 145 -22.20 24.74 -10.74
C CYS A 145 -22.27 23.24 -11.09
N ARG A 146 -21.17 22.50 -11.01
CA ARG A 146 -21.13 21.04 -11.22
C ARG A 146 -21.71 20.64 -12.59
N HIS A 147 -21.62 21.50 -13.60
CA HIS A 147 -21.96 21.15 -15.01
C HIS A 147 -21.25 19.86 -15.41
N GLU A 148 -21.98 18.91 -16.01
CA GLU A 148 -21.46 17.57 -16.32
C GLU A 148 -21.00 17.52 -17.77
N TYR A 149 -19.87 16.89 -18.05
CA TYR A 149 -19.29 16.76 -19.41
C TYR A 149 -19.02 15.29 -19.70
N PRO A 150 -19.28 14.83 -20.94
CA PRO A 150 -19.00 13.46 -21.32
C PRO A 150 -17.51 13.27 -21.65
N LEU A 151 -17.10 12.02 -21.76
CA LEU A 151 -15.68 11.67 -22.05
C LEU A 151 -15.26 12.27 -23.40
N SER A 152 -16.13 12.29 -24.42
CA SER A 152 -15.74 12.83 -25.76
C SER A 152 -15.26 14.28 -25.58
N TRP A 153 -15.95 15.06 -24.74
CA TRP A 153 -15.59 16.48 -24.46
C TRP A 153 -14.24 16.52 -23.74
N MET A 154 -14.06 15.68 -22.72
CA MET A 154 -12.80 15.68 -21.92
C MET A 154 -11.63 15.24 -22.82
N LYS A 155 -11.84 14.22 -23.64
CA LYS A 155 -10.81 13.69 -24.57
C LYS A 155 -10.33 14.84 -25.47
N GLU A 156 -11.23 15.65 -26.00
CA GLU A 156 -10.85 16.69 -26.97
C GLU A 156 -9.99 17.73 -26.26
N LYS A 157 -10.34 18.11 -25.04
CA LYS A 157 -9.50 19.03 -24.21
C LYS A 157 -8.12 18.40 -23.96
N ILE A 158 -8.06 17.14 -23.56
CA ILE A 158 -6.79 16.45 -23.25
C ILE A 158 -5.88 16.45 -24.50
N PHE A 159 -6.37 16.03 -25.65
CA PHE A 159 -5.52 15.88 -26.87
C PHE A 159 -5.11 17.24 -27.43
N SER A 160 -5.97 18.26 -27.31
N SER A 160 -5.97 18.26 -27.31
CA SER A 160 -5.68 19.65 -27.77
CA SER A 160 -5.67 19.64 -27.78
C SER A 160 -4.78 20.36 -26.76
C SER A 160 -4.78 20.36 -26.76
N GLU A 161 -4.48 19.74 -25.62
CA GLU A 161 -3.61 20.34 -24.56
C GLU A 161 -4.22 21.68 -24.14
N VAL A 162 -5.54 21.75 -24.05
CA VAL A 162 -6.28 22.90 -23.48
C VAL A 162 -6.79 22.47 -22.12
N THR A 163 -6.36 23.12 -21.04
CA THR A 163 -6.90 22.81 -19.69
C THR A 163 -8.41 22.89 -19.78
N PRO A 164 -9.15 21.81 -19.42
CA PRO A 164 -10.60 21.81 -19.53
C PRO A 164 -11.21 22.80 -18.53
N LYS A 165 -11.99 23.75 -19.05
CA LYS A 165 -12.71 24.80 -18.29
C LYS A 165 -14.20 24.69 -18.61
N CYS A 166 -15.02 24.89 -17.60
CA CYS A 166 -16.49 24.83 -17.69
C CYS A 166 -16.99 25.90 -18.67
N GLU A 167 -17.90 25.52 -19.54
CA GLU A 167 -18.50 26.43 -20.54
C GLU A 167 -19.47 27.41 -19.85
N ASP A 168 -19.99 27.09 -18.67
CA ASP A 168 -20.83 28.03 -17.88
C ASP A 168 -19.96 29.06 -17.16
N CYS A 169 -19.00 28.61 -16.37
CA CYS A 169 -18.38 29.39 -15.27
C CYS A 169 -16.85 29.50 -15.39
N GLN A 170 -16.23 28.79 -16.36
CA GLN A 170 -14.78 28.77 -16.63
C GLN A 170 -13.99 28.23 -15.42
N SER A 171 -14.61 27.53 -14.46
CA SER A 171 -13.88 26.78 -13.41
C SER A 171 -13.25 25.55 -14.05
N LEU A 172 -12.29 24.93 -13.36
CA LEU A 172 -11.70 23.63 -13.77
C LEU A 172 -12.79 22.59 -13.94
N VAL A 173 -12.64 21.74 -14.93
CA VAL A 173 -13.50 20.54 -15.08
C VAL A 173 -12.59 19.32 -14.85
N LYS A 174 -12.99 18.48 -13.90
CA LYS A 174 -12.20 17.33 -13.45
C LYS A 174 -12.91 16.05 -13.85
N PRO A 175 -12.20 15.04 -14.38
CA PRO A 175 -12.76 13.70 -14.52
C PRO A 175 -13.26 13.17 -13.16
N ASP A 176 -14.34 12.41 -13.21
CA ASP A 176 -15.03 11.89 -11.99
C ASP A 176 -14.27 10.71 -11.37
N ILE A 177 -12.93 10.76 -11.42
CA ILE A 177 -12.05 9.79 -10.73
C ILE A 177 -11.74 10.31 -9.33
N VAL A 178 -11.54 9.38 -8.41
CA VAL A 178 -11.22 9.73 -7.00
C VAL A 178 -9.73 10.08 -6.95
N PHE A 179 -9.42 11.34 -6.66
CA PHE A 179 -8.06 11.80 -6.34
C PHE A 179 -7.78 11.53 -4.87
N PHE A 180 -6.49 11.45 -4.52
CA PHE A 180 -6.13 11.52 -3.08
C PHE A 180 -6.76 12.77 -2.50
N GLY A 181 -7.36 12.68 -1.31
CA GLY A 181 -7.94 13.85 -0.63
C GLY A 181 -9.43 13.95 -0.85
N GLU A 182 -10.00 13.15 -1.73
CA GLU A 182 -11.45 13.17 -1.99
C GLU A 182 -12.12 12.02 -1.25
N SER A 183 -13.45 12.06 -1.12
CA SER A 183 -14.18 10.91 -0.53
C SER A 183 -14.34 9.81 -1.58
N LEU A 184 -14.62 8.59 -1.12
CA LEU A 184 -15.16 7.54 -2.01
C LEU A 184 -16.51 8.03 -2.51
N PRO A 185 -17.01 7.55 -3.66
CA PRO A 185 -18.23 8.11 -4.24
C PRO A 185 -19.47 7.85 -3.40
N ALA A 186 -20.43 8.78 -3.44
CA ALA A 186 -21.76 8.67 -2.81
C ALA A 186 -22.40 7.33 -3.17
N ARG A 187 -22.33 6.98 -4.45
CA ARG A 187 -22.92 5.75 -5.02
C ARG A 187 -22.39 4.54 -4.26
N PHE A 188 -21.10 4.55 -3.92
CA PHE A 188 -20.49 3.40 -3.20
C PHE A 188 -21.18 3.24 -1.83
N PHE A 189 -21.27 4.32 -1.06
CA PHE A 189 -21.76 4.26 0.34
C PHE A 189 -23.20 3.75 0.34
N SER A 190 -24.02 4.26 -0.56
CA SER A 190 -25.43 3.80 -0.69
C SER A 190 -25.46 2.28 -0.94
N CYS A 191 -24.86 1.85 -2.04
CA CYS A 191 -25.11 0.48 -2.55
C CYS A 191 -24.48 -0.54 -1.60
N MET A 192 -23.32 -0.24 -1.02
CA MET A 192 -22.55 -1.27 -0.27
C MET A 192 -23.34 -1.75 0.96
N GLN A 193 -24.13 -0.89 1.61
CA GLN A 193 -24.87 -1.31 2.84
C GLN A 193 -26.07 -2.22 2.52
N SER A 194 -26.61 -2.17 1.30
N SER A 194 -26.63 -2.16 1.30
CA SER A 194 -27.78 -2.99 0.88
CA SER A 194 -27.78 -3.00 0.90
C SER A 194 -27.30 -4.25 0.14
C SER A 194 -27.30 -4.25 0.14
N ASP A 195 -26.37 -4.11 -0.81
CA ASP A 195 -26.00 -5.20 -1.74
C ASP A 195 -25.45 -6.42 -1.00
N PHE A 196 -24.64 -6.19 0.03
CA PHE A 196 -23.95 -7.27 0.76
C PHE A 196 -24.91 -7.97 1.74
N LEU A 197 -26.13 -7.50 1.93
CA LEU A 197 -27.20 -8.32 2.59
C LEU A 197 -27.82 -9.31 1.60
N LYS A 198 -27.86 -9.00 0.29
CA LYS A 198 -28.63 -9.77 -0.72
C LYS A 198 -27.72 -10.72 -1.50
N VAL A 199 -26.40 -10.61 -1.36
CA VAL A 199 -25.45 -11.34 -2.25
C VAL A 199 -25.45 -12.85 -1.96
N ASP A 200 -25.52 -13.66 -3.02
CA ASP A 200 -25.40 -15.13 -2.97
C ASP A 200 -23.98 -15.58 -3.36
N LEU A 201 -23.23 -14.80 -4.13
CA LEU A 201 -21.89 -15.20 -4.62
C LEU A 201 -21.06 -13.95 -4.86
N LEU A 202 -19.83 -13.94 -4.35
N LEU A 202 -19.83 -13.93 -4.35
CA LEU A 202 -18.84 -12.87 -4.63
CA LEU A 202 -18.81 -12.91 -4.70
C LEU A 202 -17.84 -13.40 -5.66
C LEU A 202 -17.86 -13.46 -5.77
N LEU A 203 -17.73 -12.72 -6.80
N LEU A 203 -17.77 -12.78 -6.92
CA LEU A 203 -16.77 -13.03 -7.89
CA LEU A 203 -16.76 -13.04 -7.96
C LEU A 203 -15.69 -11.95 -7.86
C LEU A 203 -15.69 -11.95 -7.86
N VAL A 204 -14.50 -12.29 -7.39
CA VAL A 204 -13.43 -11.31 -7.09
C VAL A 204 -12.35 -11.53 -8.15
N MET A 205 -12.18 -10.56 -9.04
CA MET A 205 -11.39 -10.83 -10.27
C MET A 205 -10.40 -9.70 -10.50
N GLY A 206 -9.12 -10.02 -10.64
CA GLY A 206 -8.10 -9.02 -11.04
C GLY A 206 -7.86 -7.97 -9.96
N THR A 207 -8.04 -8.31 -8.68
CA THR A 207 -7.74 -7.36 -7.58
C THR A 207 -6.97 -8.11 -6.50
N SER A 208 -5.96 -7.46 -5.93
CA SER A 208 -5.19 -8.03 -4.80
C SER A 208 -5.78 -7.56 -3.46
N LEU A 209 -6.88 -6.80 -3.48
CA LEU A 209 -7.62 -6.35 -2.27
C LEU A 209 -6.70 -5.55 -1.35
N GLN A 210 -5.79 -4.76 -1.91
CA GLN A 210 -4.73 -4.12 -1.14
C GLN A 210 -5.16 -2.77 -0.59
N VAL A 211 -6.11 -2.08 -1.23
CA VAL A 211 -6.54 -0.71 -0.88
C VAL A 211 -8.05 -0.69 -0.66
N GLN A 212 -8.53 0.38 -0.08
CA GLN A 212 -9.95 0.60 0.19
C GLN A 212 -10.60 1.03 -1.13
N PRO A 213 -11.90 0.68 -1.31
CA PRO A 213 -12.64 -0.09 -0.33
C PRO A 213 -12.60 -1.63 -0.42
N PHE A 214 -11.95 -2.21 -1.43
CA PHE A 214 -11.99 -3.67 -1.66
C PHE A 214 -11.38 -4.39 -0.45
N ALA A 215 -10.40 -3.78 0.21
CA ALA A 215 -9.73 -4.41 1.37
C ALA A 215 -10.77 -4.72 2.45
N SER A 216 -11.75 -3.84 2.59
CA SER A 216 -12.92 -3.97 3.52
C SER A 216 -14.03 -4.85 2.92
N LEU A 217 -14.39 -4.59 1.67
CA LEU A 217 -15.65 -5.14 1.07
C LEU A 217 -15.62 -6.66 1.08
N ILE A 218 -14.42 -7.23 0.91
CA ILE A 218 -14.22 -8.69 0.79
C ILE A 218 -14.90 -9.38 1.97
N SER A 219 -14.98 -8.75 3.15
CA SER A 219 -15.48 -9.37 4.39
C SER A 219 -16.90 -8.92 4.76
N LYS A 220 -17.58 -8.15 3.90
N LYS A 220 -17.58 -8.18 3.88
CA LYS A 220 -18.92 -7.58 4.21
CA LYS A 220 -18.91 -7.59 4.20
C LYS A 220 -20.03 -8.60 3.91
C LYS A 220 -20.03 -8.60 3.90
N ALA A 221 -19.77 -9.63 3.09
CA ALA A 221 -20.78 -10.64 2.75
C ALA A 221 -21.11 -11.44 4.01
N PRO A 222 -22.33 -12.02 4.07
CA PRO A 222 -22.63 -13.08 5.04
C PRO A 222 -21.54 -14.17 5.02
N LEU A 223 -21.25 -14.76 6.18
CA LEU A 223 -20.20 -15.80 6.33
C LEU A 223 -20.47 -17.02 5.45
N SER A 224 -21.73 -17.26 5.08
CA SER A 224 -22.15 -18.40 4.22
C SER A 224 -21.87 -18.13 2.73
N THR A 225 -21.71 -16.88 2.31
CA THR A 225 -21.64 -16.49 0.88
C THR A 225 -20.35 -17.02 0.26
N PRO A 226 -20.43 -17.93 -0.73
CA PRO A 226 -19.23 -18.39 -1.41
C PRO A 226 -18.52 -17.23 -2.13
N ARG A 227 -17.20 -17.33 -2.23
CA ARG A 227 -16.32 -16.32 -2.86
C ARG A 227 -15.33 -17.02 -3.80
N LEU A 228 -15.34 -16.65 -5.08
CA LEU A 228 -14.40 -17.15 -6.11
C LEU A 228 -13.43 -16.03 -6.44
N LEU A 229 -12.14 -16.31 -6.25
CA LEU A 229 -11.03 -15.40 -6.65
C LEU A 229 -10.51 -15.88 -8.01
N ILE A 230 -10.62 -15.07 -9.05
CA ILE A 230 -9.91 -15.33 -10.34
C ILE A 230 -8.81 -14.28 -10.45
N ASN A 231 -7.55 -14.69 -10.32
CA ASN A 231 -6.44 -13.70 -10.25
C ASN A 231 -5.13 -14.33 -10.69
N LYS A 232 -4.29 -13.50 -11.33
CA LYS A 232 -2.93 -13.85 -11.86
C LYS A 232 -2.08 -14.44 -10.75
N GLU A 233 -2.25 -13.95 -9.52
CA GLU A 233 -1.38 -14.31 -8.37
C GLU A 233 -2.23 -14.61 -7.15
N LYS A 234 -1.66 -15.45 -6.28
CA LYS A 234 -2.28 -15.92 -5.01
C LYS A 234 -2.70 -14.68 -4.21
N ALA A 235 -3.86 -14.75 -3.57
CA ALA A 235 -4.32 -13.76 -2.58
C ALA A 235 -3.16 -13.45 -1.62
N GLY A 236 -2.88 -12.17 -1.33
CA GLY A 236 -1.87 -11.74 -0.34
C GLY A 236 -0.47 -12.28 -0.65
N GLN A 237 -0.04 -12.17 -1.90
CA GLN A 237 1.30 -12.58 -2.39
C GLN A 237 2.42 -11.70 -1.81
N SER A 238 2.21 -10.37 -1.84
CA SER A 238 3.16 -9.35 -1.35
C SER A 238 2.94 -9.09 0.15
N ASP A 239 2.14 -9.93 0.82
CA ASP A 239 1.98 -9.87 2.30
C ASP A 239 3.36 -10.08 2.91
N PRO A 240 3.70 -9.42 4.04
CA PRO A 240 2.80 -8.48 4.71
C PRO A 240 3.05 -7.01 4.36
N PHE A 241 3.74 -6.73 3.25
CA PHE A 241 4.23 -5.35 2.95
C PHE A 241 3.20 -4.49 2.20
N LEU A 242 2.30 -5.09 1.42
CA LEU A 242 1.33 -4.29 0.61
C LEU A 242 -0.12 -4.61 0.97
N GLY A 243 -0.41 -5.67 1.73
CA GLY A 243 -1.79 -5.90 2.21
C GLY A 243 -2.14 -4.95 3.35
N MET A 244 -3.41 -4.61 3.55
CA MET A 244 -3.84 -3.80 4.73
C MET A 244 -4.11 -4.71 5.94
N GLY A 250 -14.28 -12.33 6.46
CA GLY A 250 -12.94 -11.75 6.64
C GLY A 250 -12.03 -12.09 5.48
N GLY A 251 -10.73 -12.27 5.76
CA GLY A 251 -9.71 -12.77 4.82
C GLY A 251 -10.11 -14.14 4.27
N MET A 252 -9.58 -14.51 3.12
CA MET A 252 -10.09 -15.68 2.36
C MET A 252 -9.35 -16.95 2.80
N ASP A 253 -10.05 -18.08 2.85
CA ASP A 253 -9.48 -19.37 3.32
C ASP A 253 -9.76 -20.44 2.26
N PHE A 254 -8.79 -20.71 1.40
CA PHE A 254 -8.94 -21.68 0.27
C PHE A 254 -8.57 -23.09 0.73
N ASP A 255 -7.60 -23.18 1.65
CA ASP A 255 -6.66 -24.33 1.82
C ASP A 255 -6.68 -24.92 3.23
N SER A 256 -7.14 -24.21 4.25
CA SER A 256 -7.00 -24.68 5.66
C SER A 256 -7.96 -25.86 5.87
N LYS A 257 -7.85 -26.54 7.01
CA LYS A 257 -8.74 -27.68 7.34
C LYS A 257 -10.17 -27.17 7.55
N LYS A 258 -10.34 -25.85 7.76
CA LYS A 258 -11.66 -25.20 8.01
C LYS A 258 -12.23 -24.58 6.73
N ALA A 259 -11.49 -24.58 5.61
CA ALA A 259 -11.96 -24.02 4.32
C ALA A 259 -13.36 -24.57 4.02
N TYR A 260 -14.32 -23.71 3.65
CA TYR A 260 -15.70 -24.16 3.37
C TYR A 260 -16.40 -23.41 2.24
N ARG A 261 -15.88 -22.26 1.78
CA ARG A 261 -16.67 -21.41 0.87
C ARG A 261 -15.83 -20.60 -0.12
N ASP A 262 -14.49 -20.62 0.00
CA ASP A 262 -13.60 -19.82 -0.86
C ASP A 262 -12.95 -20.75 -1.90
N VAL A 263 -12.98 -20.34 -3.17
CA VAL A 263 -12.33 -21.06 -4.30
C VAL A 263 -11.37 -20.08 -4.99
N ALA A 264 -10.14 -20.51 -5.27
CA ALA A 264 -9.14 -19.71 -6.01
C ALA A 264 -8.99 -20.35 -7.38
N TRP A 265 -8.84 -19.51 -8.39
CA TRP A 265 -8.50 -19.94 -9.76
C TRP A 265 -7.37 -19.03 -10.21
N LEU A 266 -6.18 -19.60 -10.39
CA LEU A 266 -4.93 -18.81 -10.55
C LEU A 266 -4.57 -18.79 -12.03
N GLY A 267 -4.55 -17.58 -12.59
CA GLY A 267 -4.27 -17.34 -14.01
C GLY A 267 -4.90 -16.04 -14.45
N GLU A 268 -4.85 -15.77 -15.74
CA GLU A 268 -5.40 -14.56 -16.40
C GLU A 268 -6.91 -14.52 -16.16
N CYS A 269 -7.44 -13.34 -15.87
CA CYS A 269 -8.90 -13.21 -15.63
C CYS A 269 -9.64 -13.75 -16.86
N ASP A 270 -9.15 -13.47 -18.08
CA ASP A 270 -9.87 -13.87 -19.32
C ASP A 270 -10.00 -15.40 -19.35
N GLN A 271 -8.92 -16.10 -19.05
CA GLN A 271 -8.85 -17.58 -19.15
C GLN A 271 -9.73 -18.19 -18.05
N GLY A 272 -9.73 -17.60 -16.85
CA GLY A 272 -10.64 -18.01 -15.75
C GLY A 272 -12.11 -17.87 -16.14
N CYS A 273 -12.49 -16.73 -16.71
CA CYS A 273 -13.89 -16.48 -17.13
C CYS A 273 -14.27 -17.42 -18.28
N LEU A 274 -13.35 -17.72 -19.20
CA LEU A 274 -13.68 -18.68 -20.30
C LEU A 274 -13.97 -20.05 -19.67
N ALA A 275 -13.15 -20.46 -18.73
CA ALA A 275 -13.30 -21.74 -18.01
C ALA A 275 -14.67 -21.80 -17.33
N LEU A 276 -15.06 -20.73 -16.64
CA LEU A 276 -16.34 -20.71 -15.91
C LEU A 276 -17.50 -20.69 -16.92
N ALA A 277 -17.38 -19.89 -17.98
CA ALA A 277 -18.39 -19.83 -19.07
C ALA A 277 -18.63 -21.24 -19.62
N GLU A 278 -17.57 -22.03 -19.76
CA GLU A 278 -17.64 -23.43 -20.29
C GLU A 278 -18.62 -24.22 -19.42
N LEU A 279 -18.44 -24.16 -18.11
CA LEU A 279 -19.24 -24.98 -17.16
C LEU A 279 -20.68 -24.48 -17.14
N LEU A 280 -20.90 -23.21 -17.41
CA LEU A 280 -22.26 -22.59 -17.47
C LEU A 280 -22.96 -22.82 -18.82
N GLY A 281 -22.25 -23.27 -19.88
CA GLY A 281 -22.78 -23.37 -21.26
C GLY A 281 -22.87 -22.01 -21.95
N TRP A 282 -22.06 -21.02 -21.50
CA TRP A 282 -22.12 -19.63 -22.05
C TRP A 282 -20.91 -19.33 -22.96
N LYS A 283 -19.97 -20.24 -23.10
CA LYS A 283 -18.71 -19.98 -23.85
C LYS A 283 -18.96 -19.49 -25.29
N LYS A 284 -19.83 -20.13 -26.08
CA LYS A 284 -20.03 -19.69 -27.48
C LYS A 284 -20.67 -18.31 -27.48
N GLU A 285 -21.68 -18.09 -26.62
CA GLU A 285 -22.34 -16.77 -26.51
C GLU A 285 -21.28 -15.71 -26.18
N LEU A 286 -20.40 -16.01 -25.24
CA LEU A 286 -19.33 -15.10 -24.75
C LEU A 286 -18.35 -14.76 -25.88
N GLU A 287 -17.84 -15.77 -26.58
CA GLU A 287 -16.89 -15.59 -27.73
C GLU A 287 -17.60 -14.81 -28.84
N ASP A 288 -18.86 -15.14 -29.13
CA ASP A 288 -19.64 -14.47 -30.21
C ASP A 288 -19.85 -13.02 -29.81
N LEU A 289 -20.17 -12.76 -28.54
CA LEU A 289 -20.37 -11.38 -28.02
C LEU A 289 -19.08 -10.59 -28.20
N VAL A 290 -17.94 -11.14 -27.78
CA VAL A 290 -16.62 -10.44 -27.91
C VAL A 290 -16.37 -10.14 -29.40
N ARG A 291 -16.58 -11.13 -30.27
CA ARG A 291 -16.32 -11.01 -31.74
C ARG A 291 -17.14 -9.86 -32.30
N ARG A 292 -18.44 -9.85 -32.00
CA ARG A 292 -19.42 -8.90 -32.57
C ARG A 292 -19.18 -7.50 -32.01
N GLU A 293 -18.85 -7.37 -30.72
CA GLU A 293 -18.64 -6.05 -30.06
C GLU A 293 -17.31 -5.44 -30.55
N HIS A 294 -16.25 -6.22 -30.58
CA HIS A 294 -14.90 -5.82 -31.07
C HIS A 294 -15.01 -5.43 -32.56
N ALA A 295 -15.78 -6.19 -33.36
CA ALA A 295 -15.97 -5.91 -34.79
C ALA A 295 -16.62 -4.52 -34.95
N SER A 296 -17.66 -4.23 -34.16
CA SER A 296 -18.35 -2.91 -34.16
C SER A 296 -17.39 -1.80 -33.76
N ILE A 297 -16.57 -2.03 -32.72
CA ILE A 297 -15.58 -1.02 -32.22
C ILE A 297 -14.57 -0.70 -33.34
N ASP A 298 -14.02 -1.71 -34.01
CA ASP A 298 -13.11 -1.57 -35.19
C ASP A 298 -13.77 -0.83 -36.36
N ALA A 299 -15.06 -1.04 -36.62
CA ALA A 299 -15.81 -0.47 -37.74
C ALA A 299 -15.97 1.05 -37.58
N GLN A 300 -16.20 1.51 -36.35
CA GLN A 300 -16.32 2.95 -36.02
C GLN A 300 -14.92 3.54 -35.87
N GLU B 1 -11.04 22.20 19.08
CA GLU B 1 -9.83 23.07 19.00
C GLU B 1 -8.55 22.23 18.91
N ARG B 2 -7.71 22.50 17.91
CA ARG B 2 -6.50 21.71 17.60
C ARG B 2 -5.44 21.95 18.70
N LEU B 3 -4.46 21.06 18.84
CA LEU B 3 -3.44 21.17 19.92
C LEU B 3 -2.28 22.06 19.49
N LEU B 4 -1.92 22.13 18.21
CA LEU B 4 -0.76 22.96 17.77
C LEU B 4 -1.19 24.43 17.65
N ASP B 5 -0.36 25.34 18.13
CA ASP B 5 -0.66 26.80 18.02
C ASP B 5 -0.43 27.25 16.57
N GLU B 6 0.46 26.58 15.84
CA GLU B 6 0.63 26.83 14.39
C GLU B 6 1.24 25.61 13.70
N LEU B 7 0.93 25.42 12.42
CA LEU B 7 1.30 24.19 11.67
C LEU B 7 2.69 24.37 11.07
N THR B 8 3.70 24.53 11.95
CA THR B 8 5.12 24.76 11.61
C THR B 8 6.01 23.96 12.56
N LEU B 9 7.28 23.82 12.22
CA LEU B 9 8.28 23.19 13.13
C LEU B 9 8.26 23.98 14.45
N GLU B 10 8.14 25.32 14.39
CA GLU B 10 8.09 26.17 15.58
C GLU B 10 6.89 25.79 16.47
N GLY B 11 5.72 25.58 15.88
CA GLY B 11 4.53 25.10 16.62
C GLY B 11 4.72 23.73 17.25
N VAL B 12 5.35 22.79 16.55
CA VAL B 12 5.66 21.46 17.14
C VAL B 12 6.63 21.60 18.31
N ALA B 13 7.69 22.39 18.18
CA ALA B 13 8.66 22.54 19.28
C ALA B 13 7.95 23.12 20.50
N ARG B 14 7.14 24.19 20.33
CA ARG B 14 6.38 24.75 21.48
C ARG B 14 5.49 23.66 22.11
N TYR B 15 4.83 22.85 21.31
CA TYR B 15 3.95 21.76 21.79
C TYR B 15 4.78 20.76 22.58
N MET B 16 5.94 20.35 22.05
CA MET B 16 6.85 19.38 22.74
C MET B 16 7.27 19.90 24.11
N GLN B 17 7.42 21.19 24.30
CA GLN B 17 7.91 21.76 25.57
C GLN B 17 6.70 22.17 26.44
N SER B 18 5.47 21.84 26.02
CA SER B 18 4.24 22.08 26.83
C SER B 18 3.95 20.85 27.68
N GLU B 19 3.13 21.02 28.71
CA GLU B 19 2.81 19.92 29.65
C GLU B 19 2.01 18.84 28.91
N ARG B 20 1.29 19.22 27.86
CA ARG B 20 0.39 18.34 27.08
C ARG B 20 1.22 17.24 26.39
N CYS B 21 2.50 17.49 26.06
CA CYS B 21 3.30 16.54 25.25
C CYS B 21 4.27 15.74 26.15
N ARG B 22 3.89 14.53 26.56
CA ARG B 22 4.74 13.69 27.45
C ARG B 22 5.28 12.45 26.72
N ARG B 23 4.55 11.95 25.72
N ARG B 23 4.52 11.96 25.75
CA ARG B 23 4.78 10.61 25.13
CA ARG B 23 4.79 10.66 25.08
C ARG B 23 4.91 10.75 23.60
C ARG B 23 4.93 10.85 23.58
N VAL B 24 6.13 10.59 23.07
CA VAL B 24 6.38 10.72 21.61
C VAL B 24 6.57 9.33 21.02
N ILE B 25 5.87 9.05 19.91
CA ILE B 25 6.19 7.85 19.08
C ILE B 25 6.94 8.31 17.85
N CYS B 26 8.05 7.64 17.53
CA CYS B 26 8.76 7.85 16.26
C CYS B 26 8.42 6.70 15.29
N LEU B 27 8.10 7.03 14.04
CA LEU B 27 7.99 6.03 12.95
C LEU B 27 9.14 6.38 12.01
N VAL B 28 10.09 5.46 11.82
CA VAL B 28 11.28 5.77 10.99
C VAL B 28 11.46 4.75 9.88
N GLY B 29 11.93 5.22 8.74
CA GLY B 29 12.22 4.36 7.59
C GLY B 29 13.58 4.64 6.99
N ALA B 30 13.74 4.18 5.74
CA ALA B 30 15.05 4.10 5.06
C ALA B 30 15.73 5.48 5.00
N GLY B 31 14.94 6.55 4.93
CA GLY B 31 15.43 7.94 4.89
C GLY B 31 16.23 8.34 6.10
N ILE B 32 16.16 7.63 7.25
CA ILE B 32 16.98 8.02 8.42
C ILE B 32 18.35 7.34 8.37
N SER B 33 18.55 6.38 7.46
CA SER B 33 19.82 5.61 7.41
C SER B 33 20.60 5.87 6.10
N THR B 34 20.04 6.62 5.16
CA THR B 34 20.76 6.85 3.88
C THR B 34 22.03 7.64 4.15
N SER B 35 22.04 8.58 5.09
CA SER B 35 23.24 9.41 5.40
C SER B 35 24.30 8.56 6.11
N ALA B 36 23.92 7.39 6.63
CA ALA B 36 24.85 6.35 7.15
C ALA B 36 25.28 5.35 6.07
N GLY B 37 24.85 5.52 4.82
CA GLY B 37 25.26 4.71 3.68
C GLY B 37 24.51 3.41 3.62
N ILE B 38 23.35 3.32 4.26
CA ILE B 38 22.47 2.13 4.19
C ILE B 38 21.52 2.33 3.02
N PRO B 39 21.60 1.49 1.98
CA PRO B 39 20.71 1.57 0.84
C PRO B 39 19.25 1.35 1.26
N ASP B 40 18.32 1.98 0.54
CA ASP B 40 16.88 1.68 0.67
C ASP B 40 16.66 0.31 0.01
N PHE B 41 16.53 -0.74 0.82
CA PHE B 41 16.53 -2.15 0.35
C PHE B 41 15.24 -2.46 -0.44
N ARG B 42 14.31 -1.50 -0.52
CA ARG B 42 13.05 -1.64 -1.31
C ARG B 42 13.21 -1.03 -2.70
N SER B 43 13.34 0.30 -2.81
CA SER B 43 13.18 1.09 -4.06
C SER B 43 14.19 0.64 -5.12
N GLY B 47 19.17 -0.12 -7.89
CA GLY B 47 19.20 -1.38 -8.68
C GLY B 47 20.20 -2.38 -8.12
N LEU B 48 19.89 -3.01 -6.97
CA LEU B 48 20.87 -3.79 -6.16
C LEU B 48 20.84 -5.28 -6.51
N TYR B 49 19.99 -5.70 -7.46
CA TYR B 49 19.90 -7.12 -7.91
C TYR B 49 20.91 -7.38 -9.04
N ASP B 50 21.57 -6.35 -9.58
CA ASP B 50 22.35 -6.48 -10.85
C ASP B 50 23.75 -7.05 -10.58
N ASN B 51 23.87 -8.10 -9.75
CA ASN B 51 25.08 -8.95 -9.65
C ASN B 51 24.67 -10.34 -9.11
N LEU B 52 23.47 -10.81 -9.47
CA LEU B 52 22.91 -12.14 -9.05
C LEU B 52 22.65 -13.01 -10.30
N GLU B 53 23.25 -12.65 -11.43
CA GLU B 53 23.18 -13.33 -12.75
C GLU B 53 23.09 -14.85 -12.55
N LYS B 54 24.06 -15.42 -11.82
CA LYS B 54 24.33 -16.88 -11.77
C LYS B 54 23.11 -17.65 -11.23
N TYR B 55 22.16 -16.98 -10.55
CA TYR B 55 21.08 -17.64 -9.76
C TYR B 55 19.78 -17.78 -10.56
N HIS B 56 19.62 -17.03 -11.66
CA HIS B 56 18.39 -17.09 -12.50
C HIS B 56 17.14 -17.25 -11.61
N LEU B 57 16.81 -16.22 -10.82
CA LEU B 57 15.63 -16.21 -9.91
C LEU B 57 14.34 -16.28 -10.72
N PRO B 58 13.30 -16.99 -10.23
CA PRO B 58 12.04 -17.13 -10.98
C PRO B 58 11.26 -15.82 -11.10
N TYR B 59 11.45 -14.92 -10.14
CA TYR B 59 10.98 -13.51 -10.17
C TYR B 59 11.91 -12.74 -9.23
N PRO B 60 12.18 -11.45 -9.47
CA PRO B 60 13.19 -10.72 -8.68
C PRO B 60 12.94 -10.80 -7.16
N GLU B 61 11.67 -10.75 -6.72
CA GLU B 61 11.33 -10.64 -5.28
C GLU B 61 11.48 -12.03 -4.61
N ALA B 62 11.69 -13.09 -5.39
CA ALA B 62 11.83 -14.47 -4.85
C ALA B 62 12.95 -14.51 -3.80
N ILE B 63 13.97 -13.68 -3.97
CA ILE B 63 15.14 -13.62 -3.08
C ILE B 63 14.71 -13.23 -1.66
N PHE B 64 13.55 -12.60 -1.52
CA PHE B 64 13.04 -12.15 -0.20
C PHE B 64 11.73 -12.83 0.14
N GLU B 65 11.45 -13.99 -0.47
CA GLU B 65 10.21 -14.75 -0.20
C GLU B 65 10.57 -15.98 0.62
N ILE B 66 9.85 -16.18 1.72
CA ILE B 66 10.24 -17.17 2.76
C ILE B 66 10.28 -18.60 2.18
N SER B 67 9.28 -18.98 1.37
N SER B 67 9.29 -18.96 1.37
CA SER B 67 9.23 -20.37 0.83
CA SER B 67 9.20 -20.34 0.80
C SER B 67 10.40 -20.59 -0.14
C SER B 67 10.39 -20.58 -0.15
N TYR B 68 10.74 -19.60 -0.97
CA TYR B 68 11.88 -19.70 -1.91
C TYR B 68 13.19 -19.75 -1.11
N PHE B 69 13.31 -18.86 -0.13
CA PHE B 69 14.49 -18.81 0.76
C PHE B 69 14.78 -20.19 1.34
N LYS B 70 13.77 -20.86 1.87
CA LYS B 70 13.97 -22.13 2.61
C LYS B 70 14.42 -23.24 1.65
N LYS B 71 14.09 -23.14 0.36
CA LYS B 71 14.47 -24.13 -0.69
C LYS B 71 15.83 -23.78 -1.29
N HIS B 72 16.09 -22.48 -1.47
CA HIS B 72 17.27 -21.94 -2.18
C HIS B 72 17.78 -20.72 -1.44
N PRO B 73 18.44 -20.90 -0.26
CA PRO B 73 18.92 -19.76 0.53
C PRO B 73 20.18 -19.10 -0.02
N GLU B 74 20.86 -19.74 -0.98
CA GLU B 74 22.19 -19.24 -1.41
C GLU B 74 22.09 -17.84 -2.05
N PRO B 75 21.12 -17.52 -2.92
CA PRO B 75 21.05 -16.17 -3.49
C PRO B 75 20.94 -15.09 -2.43
N PHE B 76 20.03 -15.29 -1.46
CA PHE B 76 19.85 -14.32 -0.37
C PHE B 76 21.20 -14.08 0.32
N PHE B 77 21.92 -15.14 0.70
CA PHE B 77 23.18 -14.97 1.48
C PHE B 77 24.29 -14.37 0.61
N ALA B 78 24.25 -14.56 -0.71
CA ALA B 78 25.23 -13.93 -1.63
C ALA B 78 24.97 -12.41 -1.65
N LEU B 79 23.72 -12.02 -1.80
CA LEU B 79 23.31 -10.60 -1.78
C LEU B 79 23.65 -10.00 -0.42
N ALA B 80 23.42 -10.75 0.65
CA ALA B 80 23.65 -10.28 2.02
C ALA B 80 25.13 -9.98 2.20
N LYS B 81 26.03 -10.76 1.59
CA LYS B 81 27.47 -10.46 1.70
C LYS B 81 27.76 -9.14 0.95
N GLU B 82 27.24 -9.01 -0.26
CA GLU B 82 27.47 -7.82 -1.13
C GLU B 82 26.98 -6.55 -0.42
N LEU B 83 25.83 -6.58 0.26
CA LEU B 83 25.20 -5.36 0.82
C LEU B 83 25.43 -5.23 2.31
N TYR B 84 26.13 -6.17 2.94
CA TYR B 84 26.46 -6.09 4.40
C TYR B 84 27.18 -4.76 4.64
N PRO B 85 26.64 -3.87 5.50
CA PRO B 85 27.26 -2.57 5.72
C PRO B 85 28.72 -2.66 6.17
N GLY B 86 29.56 -1.82 5.55
CA GLY B 86 30.99 -1.71 5.85
C GLY B 86 31.24 -1.09 7.20
N GLN B 87 30.34 -0.23 7.67
CA GLN B 87 30.46 0.33 9.03
C GLN B 87 29.06 0.65 9.52
N PHE B 88 28.93 0.80 10.82
CA PHE B 88 27.66 1.03 11.54
C PHE B 88 27.82 2.29 12.38
N LYS B 89 27.56 3.41 11.74
CA LYS B 89 27.64 4.76 12.32
C LYS B 89 26.26 5.38 12.22
N PRO B 90 25.48 5.33 13.32
CA PRO B 90 24.15 5.92 13.30
C PRO B 90 24.22 7.42 13.00
N THR B 91 23.11 7.96 12.52
CA THR B 91 23.00 9.36 12.04
C THR B 91 22.56 10.28 13.18
N ILE B 92 22.68 11.59 12.93
CA ILE B 92 22.12 12.64 13.82
C ILE B 92 20.68 12.30 14.20
N CYS B 93 19.88 11.84 13.24
N CYS B 93 19.87 11.83 13.23
CA CYS B 93 18.46 11.47 13.42
CA CYS B 93 18.46 11.44 13.46
C CYS B 93 18.35 10.32 14.44
C CYS B 93 18.39 10.32 14.51
N HIS B 94 19.16 9.25 14.33
CA HIS B 94 19.21 8.15 15.33
C HIS B 94 19.54 8.73 16.71
N TYR B 95 20.53 9.63 16.81
CA TYR B 95 20.94 10.19 18.12
C TYR B 95 19.90 11.17 18.63
N PHE B 96 19.13 11.81 17.77
CA PHE B 96 17.98 12.64 18.20
C PHE B 96 16.99 11.75 18.95
N MET B 97 16.73 10.52 18.48
CA MET B 97 15.81 9.62 19.21
C MET B 97 16.42 9.21 20.56
N ARG B 98 17.74 9.05 20.66
CA ARG B 98 18.42 8.77 21.95
C ARG B 98 18.18 9.96 22.90
N LEU B 99 18.26 11.20 22.40
CA LEU B 99 17.92 12.37 23.27
C LEU B 99 16.49 12.29 23.77
N LEU B 100 15.54 11.95 22.89
CA LEU B 100 14.12 11.81 23.29
C LEU B 100 14.03 10.81 24.46
N LYS B 101 14.76 9.70 24.40
N LYS B 101 14.74 9.68 24.37
CA LYS B 101 14.78 8.66 25.47
CA LYS B 101 14.82 8.65 25.44
C LYS B 101 15.39 9.27 26.74
C LYS B 101 15.33 9.35 26.72
N ASP B 102 16.53 9.94 26.65
CA ASP B 102 17.25 10.56 27.81
C ASP B 102 16.34 11.58 28.50
N LYS B 103 15.53 12.29 27.73
CA LYS B 103 14.64 13.41 28.21
C LYS B 103 13.28 12.91 28.64
N GLY B 104 13.07 11.59 28.65
CA GLY B 104 11.85 10.93 29.14
C GLY B 104 10.69 11.14 28.21
N LEU B 105 10.93 11.45 26.93
CA LEU B 105 9.84 11.74 25.97
C LEU B 105 9.53 10.52 25.09
N LEU B 106 10.46 9.57 24.93
CA LEU B 106 10.27 8.48 23.95
C LEU B 106 9.35 7.37 24.51
N LEU B 107 8.13 7.27 24.00
CA LEU B 107 7.23 6.14 24.31
C LEU B 107 7.74 4.93 23.51
N ARG B 108 7.95 5.11 22.21
CA ARG B 108 8.43 4.00 21.35
C ARG B 108 9.05 4.56 20.08
N CYS B 109 10.08 3.88 19.57
CA CYS B 109 10.56 4.01 18.20
C CYS B 109 10.08 2.79 17.41
N TYR B 110 9.16 2.98 16.46
CA TYR B 110 8.80 1.96 15.46
C TYR B 110 9.72 2.17 14.27
N THR B 111 10.40 1.14 13.81
CA THR B 111 11.32 1.25 12.66
C THR B 111 10.93 0.20 11.61
N GLN B 112 10.99 0.60 10.35
CA GLN B 112 10.88 -0.36 9.24
C GLN B 112 12.28 -0.67 8.72
N ASN B 113 13.32 -0.14 9.35
CA ASN B 113 14.74 -0.47 8.98
C ASN B 113 15.21 -1.76 9.68
N ILE B 114 16.14 -2.45 9.03
CA ILE B 114 16.69 -3.75 9.51
C ILE B 114 18.17 -3.61 9.88
N ASP B 115 18.71 -2.39 9.82
CA ASP B 115 20.17 -2.14 9.86
C ASP B 115 20.75 -2.15 11.29
N THR B 116 19.94 -2.16 12.33
CA THR B 116 20.33 -2.20 13.77
C THR B 116 20.85 -0.85 14.28
N LEU B 117 20.79 0.21 13.47
CA LEU B 117 21.43 1.50 13.90
C LEU B 117 20.70 2.12 15.10
N GLU B 118 19.41 1.85 15.30
CA GLU B 118 18.68 2.37 16.48
C GLU B 118 19.34 1.80 17.75
N ARG B 119 19.67 0.52 17.75
CA ARG B 119 20.32 -0.16 18.89
C ARG B 119 21.76 0.36 19.07
N ILE B 120 22.49 0.55 17.97
CA ILE B 120 23.88 1.07 18.07
C ILE B 120 23.83 2.50 18.66
N ALA B 121 22.78 3.27 18.37
CA ALA B 121 22.61 4.65 18.89
C ALA B 121 22.15 4.66 20.36
N GLY B 122 21.78 3.51 20.92
CA GLY B 122 21.48 3.34 22.35
C GLY B 122 20.01 3.20 22.67
N LEU B 123 19.13 2.99 21.70
CA LEU B 123 17.77 2.55 22.02
C LEU B 123 17.83 1.06 22.42
N GLU B 124 17.09 0.71 23.46
CA GLU B 124 17.05 -0.67 24.00
C GLU B 124 15.86 -1.41 23.43
N GLN B 125 15.84 -2.74 23.58
CA GLN B 125 14.72 -3.55 23.02
C GLN B 125 13.40 -2.94 23.47
N GLU B 126 13.26 -2.51 24.72
CA GLU B 126 11.96 -2.05 25.29
C GLU B 126 11.51 -0.76 24.59
N ASP B 127 12.46 0.02 24.07
CA ASP B 127 12.19 1.30 23.35
C ASP B 127 11.74 1.03 21.90
N LEU B 128 11.90 -0.19 21.39
CA LEU B 128 11.91 -0.46 19.93
C LEU B 128 10.80 -1.42 19.52
N VAL B 129 10.23 -1.13 18.36
CA VAL B 129 9.43 -2.10 17.59
C VAL B 129 10.04 -2.15 16.19
N GLU B 130 10.72 -3.24 15.90
CA GLU B 130 11.34 -3.46 14.56
C GLU B 130 10.24 -4.11 13.71
N ALA B 131 9.41 -3.27 13.09
CA ALA B 131 8.19 -3.71 12.39
C ALA B 131 8.53 -4.58 11.18
N HIS B 132 9.70 -4.41 10.55
CA HIS B 132 10.15 -5.28 9.43
C HIS B 132 11.25 -6.24 9.87
N GLY B 133 11.36 -6.46 11.17
CA GLY B 133 12.40 -7.32 11.75
C GLY B 133 13.77 -6.67 11.75
N THR B 134 14.82 -7.48 11.91
CA THR B 134 16.18 -6.98 12.18
C THR B 134 17.21 -8.06 11.89
N PHE B 135 18.38 -7.62 11.47
CA PHE B 135 19.61 -8.45 11.43
C PHE B 135 20.18 -8.71 12.83
N TYR B 136 19.70 -8.02 13.86
CA TYR B 136 20.33 -8.06 15.21
C TYR B 136 20.41 -9.51 15.72
N THR B 137 19.37 -10.30 15.49
CA THR B 137 19.32 -11.73 15.89
C THR B 137 18.89 -12.57 14.69
N SER B 138 19.23 -13.84 14.74
CA SER B 138 18.88 -14.85 13.72
C SER B 138 18.38 -16.09 14.46
N HIS B 139 17.53 -16.87 13.81
CA HIS B 139 16.99 -18.12 14.41
C HIS B 139 17.05 -19.28 13.43
N CYS B 140 17.44 -20.44 13.96
CA CYS B 140 17.14 -21.77 13.37
C CYS B 140 15.66 -21.77 12.97
N VAL B 141 15.35 -22.23 11.76
CA VAL B 141 13.97 -22.22 11.20
C VAL B 141 13.18 -23.47 11.62
N SER B 142 13.82 -24.46 12.23
N SER B 142 13.82 -24.47 12.20
CA SER B 142 13.16 -25.72 12.67
CA SER B 142 13.13 -25.72 12.63
C SER B 142 12.30 -25.46 13.90
C SER B 142 12.30 -25.41 13.88
N ALA B 143 10.99 -25.69 13.80
CA ALA B 143 9.98 -25.37 14.85
C ALA B 143 10.37 -25.97 16.21
N SER B 144 10.95 -27.17 16.26
CA SER B 144 11.32 -27.85 17.53
C SER B 144 12.61 -27.28 18.15
N CYS B 145 13.35 -26.40 17.46
CA CYS B 145 14.69 -25.96 17.87
C CYS B 145 14.71 -24.43 18.05
N ARG B 146 14.63 -23.66 16.96
CA ARG B 146 14.54 -22.18 17.03
C ARG B 146 15.73 -21.58 17.80
N HIS B 147 16.88 -22.24 17.79
CA HIS B 147 18.12 -21.73 18.44
C HIS B 147 18.41 -20.31 17.96
N GLU B 148 18.72 -19.39 18.88
CA GLU B 148 19.00 -17.97 18.54
C GLU B 148 20.48 -17.76 18.33
N TYR B 149 20.87 -16.97 17.32
CA TYR B 149 22.26 -16.62 17.01
C TYR B 149 22.39 -15.11 16.95
N PRO B 150 23.52 -14.57 17.44
CA PRO B 150 23.79 -13.13 17.34
C PRO B 150 24.25 -12.73 15.95
N LEU B 151 24.25 -11.42 15.70
CA LEU B 151 24.74 -10.87 14.41
C LEU B 151 26.19 -11.27 14.15
N SER B 152 27.06 -11.28 15.18
CA SER B 152 28.48 -11.62 14.97
C SER B 152 28.57 -13.01 14.32
N TRP B 153 27.75 -13.95 14.79
CA TRP B 153 27.72 -15.34 14.24
C TRP B 153 27.24 -15.31 12.80
N MET B 154 26.15 -14.59 12.53
CA MET B 154 25.55 -14.53 11.16
C MET B 154 26.55 -13.84 10.22
N LYS B 155 27.20 -12.76 10.67
CA LYS B 155 28.20 -12.04 9.85
C LYS B 155 29.32 -13.00 9.42
N GLU B 156 29.82 -13.84 10.32
CA GLU B 156 30.96 -14.75 10.02
C GLU B 156 30.51 -15.73 8.94
N LYS B 157 29.28 -16.27 9.04
CA LYS B 157 28.73 -17.17 7.99
C LYS B 157 28.61 -16.42 6.67
N ILE B 158 28.05 -15.21 6.68
CA ILE B 158 27.86 -14.42 5.42
C ILE B 158 29.23 -14.19 4.75
N PHE B 159 30.23 -13.72 5.47
CA PHE B 159 31.53 -13.32 4.85
C PHE B 159 32.31 -14.56 4.39
N SER B 160 32.21 -15.68 5.12
N SER B 160 32.21 -15.68 5.12
CA SER B 160 32.88 -16.96 4.76
CA SER B 160 32.88 -16.96 4.75
C SER B 160 32.13 -17.66 3.61
C SER B 160 32.15 -17.65 3.59
N GLU B 161 30.98 -17.12 3.19
CA GLU B 161 30.15 -17.72 2.12
C GLU B 161 29.81 -19.16 2.50
N VAL B 162 29.54 -19.39 3.79
CA VAL B 162 29.03 -20.70 4.29
C VAL B 162 27.55 -20.49 4.60
N THR B 163 26.66 -21.24 3.95
CA THR B 163 25.22 -21.11 4.25
C THR B 163 25.05 -21.39 5.75
N PRO B 164 24.45 -20.46 6.52
CA PRO B 164 24.39 -20.60 7.96
C PRO B 164 23.48 -21.76 8.36
N LYS B 165 24.02 -22.73 9.10
CA LYS B 165 23.26 -23.89 9.61
C LYS B 165 23.36 -23.93 11.13
N CYS B 166 22.29 -24.37 11.75
CA CYS B 166 22.18 -24.47 13.22
C CYS B 166 23.23 -25.44 13.74
N GLU B 167 23.90 -25.06 14.83
CA GLU B 167 24.91 -25.94 15.48
C GLU B 167 24.22 -27.16 16.12
N ASP B 168 22.99 -26.98 16.56
CA ASP B 168 22.24 -28.03 17.30
C ASP B 168 21.67 -29.05 16.31
N CYS B 169 21.02 -28.60 15.24
CA CYS B 169 20.16 -29.48 14.38
C CYS B 169 20.52 -29.40 12.89
N GLN B 170 21.42 -28.51 12.47
CA GLN B 170 21.87 -28.34 11.06
C GLN B 170 20.73 -27.87 10.15
N SER B 171 19.63 -27.36 10.68
CA SER B 171 18.60 -26.64 9.87
C SER B 171 19.16 -25.27 9.46
N LEU B 172 18.53 -24.64 8.47
N LEU B 172 18.54 -24.64 8.46
CA LEU B 172 18.85 -23.25 8.02
CA LEU B 172 18.94 -23.27 8.03
C LEU B 172 18.70 -22.29 9.20
C LEU B 172 18.71 -22.29 9.18
N VAL B 173 19.58 -21.29 9.31
CA VAL B 173 19.39 -20.19 10.28
C VAL B 173 19.12 -18.92 9.48
N LYS B 174 18.02 -18.24 9.80
CA LYS B 174 17.56 -17.07 9.02
C LYS B 174 17.69 -15.83 9.90
N PRO B 175 18.19 -14.69 9.35
CA PRO B 175 18.08 -13.43 10.08
C PRO B 175 16.62 -13.11 10.41
N ASP B 176 16.41 -12.46 11.54
CA ASP B 176 15.05 -12.13 12.05
C ASP B 176 14.41 -10.96 11.29
N ILE B 177 14.68 -10.85 10.00
CA ILE B 177 14.01 -9.88 9.10
C ILE B 177 12.75 -10.51 8.51
N VAL B 178 11.73 -9.69 8.29
CA VAL B 178 10.44 -10.12 7.71
C VAL B 178 10.62 -10.33 6.21
N PHE B 179 10.49 -11.58 5.74
CA PHE B 179 10.44 -11.93 4.30
C PHE B 179 8.98 -11.83 3.82
N PHE B 180 8.79 -11.67 2.53
CA PHE B 180 7.47 -11.92 1.91
C PHE B 180 6.97 -13.29 2.37
N GLY B 181 5.70 -13.35 2.77
CA GLY B 181 4.99 -14.56 3.17
C GLY B 181 5.08 -14.80 4.65
N GLU B 182 5.78 -13.96 5.41
CA GLU B 182 5.83 -14.09 6.89
C GLU B 182 4.88 -13.06 7.50
N SER B 183 4.55 -13.22 8.77
CA SER B 183 3.72 -12.22 9.49
C SER B 183 4.63 -11.05 9.89
N LEU B 184 4.03 -9.88 10.15
CA LEU B 184 4.76 -8.84 10.94
C LEU B 184 5.05 -9.42 12.32
N PRO B 185 6.10 -8.95 13.03
CA PRO B 185 6.49 -9.49 14.32
C PRO B 185 5.38 -9.35 15.37
N ALA B 186 5.29 -10.34 16.27
CA ALA B 186 4.28 -10.35 17.36
C ALA B 186 4.39 -9.04 18.14
N ARG B 187 5.62 -8.61 18.40
CA ARG B 187 5.87 -7.38 19.18
C ARG B 187 5.16 -6.18 18.54
N PHE B 188 5.09 -6.08 17.22
CA PHE B 188 4.38 -4.96 16.56
C PHE B 188 2.90 -4.94 16.99
N PHE B 189 2.24 -6.09 16.87
CA PHE B 189 0.78 -6.18 17.13
C PHE B 189 0.53 -5.84 18.60
N SER B 190 1.33 -6.36 19.51
CA SER B 190 1.16 -6.10 20.95
C SER B 190 1.31 -4.60 21.22
N CYS B 191 2.46 -4.03 20.85
CA CYS B 191 2.77 -2.64 21.24
C CYS B 191 1.80 -1.65 20.58
N MET B 192 1.40 -1.87 19.33
CA MET B 192 0.66 -0.85 18.56
C MET B 192 -0.71 -0.60 19.24
N GLN B 193 -1.35 -1.62 19.83
CA GLN B 193 -2.71 -1.45 20.41
C GLN B 193 -2.67 -0.60 21.68
N SER B 194 -1.56 -0.58 22.43
CA SER B 194 -1.39 0.17 23.68
C SER B 194 -0.76 1.54 23.38
N ASP B 195 0.30 1.58 22.57
CA ASP B 195 1.09 2.83 22.37
C ASP B 195 0.24 3.91 21.72
N PHE B 196 -0.60 3.54 20.75
CA PHE B 196 -1.39 4.51 19.97
C PHE B 196 -2.57 5.04 20.78
N LEU B 197 -2.83 4.52 21.97
CA LEU B 197 -3.78 5.18 22.91
C LEU B 197 -3.11 6.30 23.68
N LYS B 198 -1.81 6.20 23.94
CA LYS B 198 -1.06 7.05 24.92
C LYS B 198 -0.28 8.17 24.22
N VAL B 199 -0.14 8.10 22.91
CA VAL B 199 0.77 8.99 22.13
C VAL B 199 0.27 10.45 22.14
N ASP B 200 1.18 11.41 22.39
CA ASP B 200 0.90 12.86 22.33
C ASP B 200 1.46 13.48 21.05
N LEU B 201 2.47 12.85 20.43
CA LEU B 201 3.07 13.39 19.20
C LEU B 201 3.65 12.22 18.41
N LEU B 202 3.38 12.21 17.12
N LEU B 202 3.40 12.20 17.12
CA LEU B 202 3.94 11.23 16.17
CA LEU B 202 3.98 11.24 16.14
C LEU B 202 5.03 11.98 15.38
C LEU B 202 5.04 11.99 15.34
N LEU B 203 6.25 11.44 15.45
N LEU B 203 6.33 11.68 15.55
CA LEU B 203 7.41 11.97 14.72
CA LEU B 203 7.45 12.09 14.67
C LEU B 203 7.73 10.98 13.61
C LEU B 203 7.67 11.00 13.61
N VAL B 204 7.39 11.33 12.36
CA VAL B 204 7.43 10.39 11.21
C VAL B 204 8.59 10.81 10.34
N MET B 205 9.67 10.03 10.30
CA MET B 205 10.94 10.52 9.70
C MET B 205 11.47 9.51 8.69
N GLY B 206 11.76 9.97 7.47
CA GLY B 206 12.49 9.13 6.49
C GLY B 206 11.65 7.96 6.03
N THR B 207 10.33 8.10 5.94
CA THR B 207 9.47 7.04 5.36
C THR B 207 8.51 7.68 4.37
N SER B 208 8.29 7.00 3.24
CA SER B 208 7.36 7.43 2.16
C SER B 208 5.92 7.02 2.52
N LEU B 209 5.72 6.23 3.57
CA LEU B 209 4.38 5.81 4.04
C LEU B 209 3.62 5.09 2.92
N GLN B 210 4.33 4.28 2.16
CA GLN B 210 3.76 3.50 1.03
C GLN B 210 3.60 2.04 1.44
N VAL B 211 4.56 1.49 2.18
CA VAL B 211 4.46 0.06 2.57
C VAL B 211 3.87 -0.06 3.96
N GLN B 212 3.35 -1.24 4.22
CA GLN B 212 2.75 -1.57 5.53
C GLN B 212 3.87 -2.00 6.46
N PRO B 213 3.72 -1.78 7.78
CA PRO B 213 2.51 -1.20 8.36
C PRO B 213 2.37 0.33 8.39
N PHE B 214 3.44 1.08 8.16
CA PHE B 214 3.41 2.55 8.43
C PHE B 214 2.36 3.23 7.55
N ALA B 215 2.11 2.73 6.35
CA ALA B 215 1.18 3.40 5.40
C ALA B 215 -0.20 3.55 6.05
N SER B 216 -0.69 2.52 6.73
CA SER B 216 -1.98 2.53 7.46
C SER B 216 -1.82 2.90 8.94
N LEU B 217 -0.67 2.65 9.56
CA LEU B 217 -0.49 2.84 11.01
C LEU B 217 -0.70 4.31 11.39
N ILE B 218 -0.31 5.25 10.54
CA ILE B 218 -0.51 6.69 10.83
C ILE B 218 -1.98 6.97 11.17
N SER B 219 -2.92 6.22 10.56
N SER B 219 -2.94 6.27 10.55
CA SER B 219 -4.38 6.42 10.76
CA SER B 219 -4.40 6.49 10.80
C SER B 219 -4.86 5.85 12.10
C SER B 219 -4.82 5.98 12.18
N LYS B 220 -4.01 5.15 12.85
CA LYS B 220 -4.36 4.59 14.19
C LYS B 220 -4.12 5.65 15.26
N ALA B 221 -3.39 6.74 14.98
CA ALA B 221 -3.20 7.82 15.99
C ALA B 221 -4.55 8.43 16.34
N PRO B 222 -4.74 8.88 17.60
CA PRO B 222 -5.90 9.68 17.95
C PRO B 222 -6.01 10.89 17.01
N LEU B 223 -7.24 11.29 16.63
CA LEU B 223 -7.43 12.35 15.61
C LEU B 223 -6.81 13.68 16.06
N SER B 224 -6.65 13.91 17.35
CA SER B 224 -6.09 15.15 17.94
C SER B 224 -4.55 15.15 17.98
N THR B 225 -3.90 13.99 17.87
CA THR B 225 -2.44 13.88 18.07
C THR B 225 -1.72 14.58 16.93
N PRO B 226 -0.91 15.63 17.19
CA PRO B 226 -0.12 16.24 16.13
C PRO B 226 0.90 15.26 15.54
N ARG B 227 1.20 15.45 14.27
CA ARG B 227 2.11 14.59 13.50
C ARG B 227 3.09 15.46 12.72
N LEU B 228 4.39 15.28 12.94
CA LEU B 228 5.46 15.96 12.18
C LEU B 228 6.12 14.95 11.26
N LEU B 229 6.12 15.23 9.98
CA LEU B 229 6.84 14.45 8.95
C LEU B 229 8.15 15.19 8.67
N ILE B 230 9.28 14.52 8.93
CA ILE B 230 10.60 15.03 8.48
C ILE B 230 11.06 14.09 7.37
N ASN B 231 11.14 14.60 6.15
CA ASN B 231 11.34 13.73 4.97
C ASN B 231 11.72 14.64 3.79
N LYS B 232 12.35 14.07 2.76
CA LYS B 232 12.72 14.79 1.52
C LYS B 232 11.46 15.35 0.84
N GLU B 233 10.34 14.66 0.93
N GLU B 233 10.33 14.65 0.95
CA GLU B 233 9.07 15.11 0.28
CA GLU B 233 9.06 14.99 0.27
C GLU B 233 7.87 14.75 1.17
C GLU B 233 7.86 14.71 1.18
N LYS B 234 6.75 15.43 0.96
CA LYS B 234 5.47 15.12 1.59
C LYS B 234 5.09 13.67 1.21
N ALA B 235 4.57 12.95 2.19
CA ALA B 235 4.13 11.56 2.08
C ALA B 235 2.96 11.37 3.02
N GLY B 236 2.18 10.33 2.76
CA GLY B 236 1.11 9.87 3.67
C GLY B 236 -0.23 10.52 3.38
N GLN B 237 -0.34 11.39 2.37
CA GLN B 237 -1.64 12.00 2.03
C GLN B 237 -2.38 11.00 1.12
N SER B 238 -2.78 9.87 1.70
CA SER B 238 -3.16 8.63 0.98
C SER B 238 -4.67 8.36 1.09
N ASP B 239 -5.40 9.13 1.88
CA ASP B 239 -6.87 8.93 1.99
C ASP B 239 -7.43 9.20 0.61
N PRO B 240 -8.50 8.50 0.17
CA PRO B 240 -9.26 7.55 0.98
C PRO B 240 -8.85 6.07 0.79
N PHE B 241 -7.62 5.81 0.40
CA PHE B 241 -7.20 4.46 -0.06
C PHE B 241 -6.63 3.60 1.08
N LEU B 242 -5.94 4.18 2.08
CA LEU B 242 -5.07 3.32 2.95
C LEU B 242 -5.49 3.34 4.42
N GLY B 243 -6.50 4.12 4.82
CA GLY B 243 -6.98 4.14 6.22
C GLY B 243 -7.73 2.85 6.56
N MET B 244 -7.59 2.34 7.80
CA MET B 244 -8.19 1.02 8.19
C MET B 244 -9.70 1.17 8.35
N ILE B 245 -10.18 2.38 8.57
CA ILE B 245 -11.64 2.63 8.75
C ILE B 245 -12.13 3.45 7.57
N MET B 246 -12.97 2.85 6.71
CA MET B 246 -13.73 3.54 5.64
C MET B 246 -14.52 4.71 6.24
N GLY B 247 -14.46 5.89 5.60
CA GLY B 247 -15.17 7.12 6.01
C GLY B 247 -14.44 7.89 7.10
N LEU B 248 -13.38 7.33 7.71
CA LEU B 248 -12.54 8.07 8.69
C LEU B 248 -11.31 8.61 7.94
N GLY B 249 -10.98 9.88 8.18
CA GLY B 249 -9.86 10.56 7.49
C GLY B 249 -8.66 10.67 8.40
N GLY B 250 -7.86 9.59 8.48
CA GLY B 250 -6.69 9.46 9.35
C GLY B 250 -5.37 9.61 8.62
N GLY B 251 -5.39 9.66 7.29
CA GLY B 251 -4.18 9.93 6.48
C GLY B 251 -3.65 11.32 6.75
N MET B 252 -2.43 11.58 6.31
CA MET B 252 -1.78 12.88 6.52
C MET B 252 -2.57 13.95 5.76
N ASP B 253 -2.66 15.13 6.34
CA ASP B 253 -3.27 16.31 5.66
C ASP B 253 -2.44 17.52 6.01
N PHE B 254 -1.48 17.84 5.15
CA PHE B 254 -0.62 19.04 5.31
C PHE B 254 -1.27 20.24 4.62
N ASP B 255 -2.06 19.99 3.57
CA ASP B 255 -2.28 20.93 2.42
C ASP B 255 -3.75 21.35 2.30
N SER B 256 -4.71 20.60 2.86
CA SER B 256 -6.17 20.87 2.59
C SER B 256 -6.65 22.03 3.44
N LYS B 257 -7.84 22.52 3.10
CA LYS B 257 -8.61 23.57 3.82
C LYS B 257 -8.79 23.18 5.29
N LYS B 258 -8.83 21.87 5.57
CA LYS B 258 -9.16 21.29 6.90
C LYS B 258 -7.88 20.89 7.66
N ALA B 259 -6.69 21.12 7.11
CA ALA B 259 -5.42 20.78 7.80
C ALA B 259 -5.46 21.40 9.21
N TYR B 260 -5.10 20.65 10.25
CA TYR B 260 -5.20 21.14 11.65
C TYR B 260 -4.10 20.58 12.57
N ARG B 261 -3.31 19.59 12.14
CA ARG B 261 -2.42 18.87 13.08
C ARG B 261 -1.19 18.25 12.40
N ASP B 262 -1.08 18.29 11.09
CA ASP B 262 0.04 17.65 10.37
C ASP B 262 0.99 18.71 9.84
N VAL B 263 2.29 18.54 10.14
CA VAL B 263 3.36 19.47 9.68
C VAL B 263 4.38 18.68 8.86
N ALA B 264 4.73 19.17 7.68
CA ALA B 264 5.80 18.55 6.85
C ALA B 264 7.01 19.48 6.87
N TRP B 265 8.15 18.96 7.30
CA TRP B 265 9.48 19.64 7.20
C TRP B 265 10.28 18.90 6.14
N LEU B 266 10.58 19.57 5.03
CA LEU B 266 11.10 18.92 3.82
C LEU B 266 12.60 19.15 3.71
N GLY B 267 13.33 18.04 3.73
CA GLY B 267 14.79 18.00 3.67
C GLY B 267 15.31 16.67 4.14
N GLU B 268 16.61 16.63 4.38
CA GLU B 268 17.30 15.43 4.95
C GLU B 268 16.88 15.27 6.41
N CYS B 269 16.65 14.04 6.84
CA CYS B 269 16.26 13.77 8.23
C CYS B 269 17.29 14.39 9.18
N ASP B 270 18.60 14.33 8.90
CA ASP B 270 19.60 14.85 9.85
C ASP B 270 19.37 16.36 10.04
N GLN B 271 19.15 17.09 8.94
N GLN B 271 19.13 17.07 8.95
CA GLN B 271 19.00 18.57 8.97
CA GLN B 271 19.00 18.55 8.96
C GLN B 271 17.69 18.92 9.67
C GLN B 271 17.69 18.91 9.68
N GLY B 272 16.62 18.13 9.45
CA GLY B 272 15.35 18.34 10.17
C GLY B 272 15.49 18.15 11.67
N CYS B 273 16.16 17.09 12.10
CA CYS B 273 16.37 16.80 13.52
C CYS B 273 17.22 17.90 14.14
N LEU B 274 18.25 18.37 13.44
N LEU B 274 18.26 18.38 13.43
CA LEU B 274 19.08 19.49 13.95
CA LEU B 274 19.10 19.52 13.89
C LEU B 274 18.20 20.73 14.11
C LEU B 274 18.24 20.78 14.06
N ALA B 275 17.34 21.04 13.12
CA ALA B 275 16.46 22.21 13.16
C ALA B 275 15.55 22.13 14.38
N LEU B 276 14.93 20.98 14.61
CA LEU B 276 13.99 20.79 15.74
C LEU B 276 14.78 20.86 17.05
N ALA B 277 15.91 20.18 17.14
CA ALA B 277 16.79 20.24 18.34
C ALA B 277 17.11 21.72 18.63
N GLU B 278 17.46 22.49 17.60
CA GLU B 278 17.87 23.91 17.77
C GLU B 278 16.72 24.68 18.42
N LEU B 279 15.49 24.51 17.93
CA LEU B 279 14.31 25.23 18.51
C LEU B 279 14.12 24.85 19.97
N LEU B 280 14.36 23.57 20.32
CA LEU B 280 14.13 23.03 21.67
C LEU B 280 15.26 23.38 22.66
N GLY B 281 16.35 24.00 22.17
CA GLY B 281 17.53 24.31 23.00
C GLY B 281 18.40 23.08 23.20
N TRP B 282 18.25 22.06 22.34
CA TRP B 282 19.01 20.79 22.45
C TRP B 282 20.16 20.68 21.44
N LYS B 283 20.42 21.69 20.62
CA LYS B 283 21.40 21.54 19.51
C LYS B 283 22.78 21.19 20.05
N LYS B 284 23.29 21.90 21.07
CA LYS B 284 24.63 21.58 21.60
C LYS B 284 24.65 20.14 22.18
N GLU B 285 23.63 19.77 22.91
CA GLU B 285 23.53 18.38 23.46
C GLU B 285 23.58 17.36 22.34
N LEU B 286 22.81 17.59 21.26
CA LEU B 286 22.72 16.63 20.15
C LEU B 286 24.09 16.54 19.45
N GLU B 287 24.71 17.68 19.13
N GLU B 287 24.69 17.71 19.20
CA GLU B 287 26.04 17.69 18.43
CA GLU B 287 26.02 17.88 18.54
C GLU B 287 27.09 17.04 19.34
C GLU B 287 27.07 17.10 19.34
N ASP B 288 27.06 17.31 20.66
CA ASP B 288 28.06 16.72 21.59
C ASP B 288 27.85 15.20 21.61
N LEU B 289 26.60 14.75 21.64
CA LEU B 289 26.27 13.30 21.66
C LEU B 289 26.82 12.64 20.39
N VAL B 290 26.50 13.18 19.23
CA VAL B 290 26.96 12.62 17.94
C VAL B 290 28.49 12.60 17.93
N ARG B 291 29.14 13.69 18.35
CA ARG B 291 30.62 13.77 18.35
C ARG B 291 31.22 12.62 19.17
N ARG B 292 30.73 12.45 20.39
N ARG B 292 30.77 12.48 20.43
CA ARG B 292 31.25 11.47 21.39
CA ARG B 292 31.22 11.44 21.39
C ARG B 292 30.98 10.03 20.91
C ARG B 292 31.04 10.06 20.74
N GLU B 293 29.79 9.76 20.35
CA GLU B 293 29.43 8.40 19.86
C GLU B 293 30.23 8.04 18.60
N HIS B 294 30.31 8.94 17.62
CA HIS B 294 31.04 8.76 16.35
C HIS B 294 32.53 8.56 16.68
N ALA B 295 33.06 9.32 17.64
CA ALA B 295 34.48 9.21 18.03
C ALA B 295 34.75 7.81 18.57
N SER B 296 33.86 7.29 19.42
CA SER B 296 33.96 5.92 19.97
C SER B 296 33.92 4.88 18.81
N ILE B 297 33.00 5.04 17.86
CA ILE B 297 32.85 4.06 16.76
C ILE B 297 34.13 4.05 15.91
N ASP B 298 34.68 5.23 15.57
CA ASP B 298 35.98 5.38 14.86
C ASP B 298 37.15 4.73 15.61
N ALA B 299 37.18 4.83 16.94
CA ALA B 299 38.28 4.33 17.81
C ALA B 299 38.35 2.79 17.76
N GLN B 300 37.19 2.13 17.76
CA GLN B 300 37.08 0.66 17.77
C GLN B 300 37.17 0.18 16.31
N SER B 301 37.52 1.07 15.39
CA SER B 301 37.73 0.79 13.94
C SER B 301 39.13 0.21 13.74
ZN ZN C . -19.04 25.38 -13.89
S SO4 D . -33.24 -8.21 -6.73
O1 SO4 D . -31.89 -7.72 -6.82
O2 SO4 D . -33.59 -8.37 -5.35
O3 SO4 D . -34.15 -7.29 -7.38
O4 SO4 D . -33.33 -9.49 -7.40
S SO4 E . -6.81 -2.98 -7.97
S SO4 E . -6.14 -3.41 -5.20
O1 SO4 E . -5.71 -2.20 -7.48
O1 SO4 E . -5.57 -2.18 -5.66
O2 SO4 E . -7.32 -3.81 -6.91
O2 SO4 E . -6.96 -3.19 -4.05
O3 SO4 E . -7.82 -2.06 -8.40
O3 SO4 E . -6.96 -3.95 -6.25
O4 SO4 E . -6.42 -3.78 -9.06
O4 SO4 E . -5.11 -4.34 -4.89
C1 EDO F . -15.97 12.36 -8.24
O1 EDO F . -15.12 13.43 -8.54
C2 EDO F . -15.26 11.34 -7.46
O2 EDO F . -14.15 11.89 -6.79
C1 EDO G . -6.73 3.15 -8.23
O1 EDO G . -7.71 2.16 -8.56
C2 EDO G . -7.24 4.55 -8.23
O2 EDO G . -7.38 5.13 -9.54
S DMS H . -6.20 -23.99 -11.40
O DMS H . -6.55 -22.85 -10.48
C1 DMS H . -7.67 -24.97 -11.55
C2 DMS H . -6.15 -23.32 -13.04
N1 E7K I . -1.61 4.74 -4.73
N3 E7K I . -3.58 7.23 -13.19
C4 E7K I . -0.84 6.00 -6.79
C5 E7K I . -3.95 6.51 -6.89
C6 E7K I . -4.75 7.49 -6.41
C7 E7K I . -5.45 8.33 -7.27
C8 E7K I . -5.32 8.13 -8.68
C10 E7K I . -6.23 8.38 -10.95
C13 E7K I . -3.79 6.30 -8.27
C15 E7K I . -3.40 7.51 -14.59
C17 E7K I . -4.18 8.80 -16.56
C20 E7K I . -6.87 8.67 -19.16
C21 E7K I . -7.57 7.48 -18.79
C22 E7K I . -7.17 6.73 -17.63
C24 E7K I . -9.49 7.84 -20.31
C26 E7K I . -10.47 5.94 -20.00
C3 E7K I . -1.85 5.49 -5.80
C1 E7K I . -2.81 4.61 -4.10
C E7K I . -2.96 3.84 -2.87
N E7K I . -3.21 5.73 -5.91
C2 E7K I . -3.82 5.16 -4.81
C12 E7K I . -4.49 7.13 -9.15
C11 E7K I . -4.32 6.89 -10.64
N2 E7K I . -4.93 7.90 -11.42
C9 E7K I . -6.13 9.00 -9.57
C14 E7K I . -4.55 7.94 -12.73
S E7K I . -5.31 8.91 -13.93
C16 E7K I . -4.18 8.36 -15.11
C18 E7K I . -5.35 8.32 -17.28
C23 E7K I . -6.03 7.16 -16.92
C19 E7K I . -5.76 9.06 -18.39
N4 E7K I . -8.72 7.07 -19.45
N5 E7K I . -9.33 5.90 -19.19
C25 E7K I . -10.55 7.14 -20.66
ZN ZN J . 18.25 -25.80 15.14
S SO4 K . 4.47 5.57 29.98
O1 SO4 K . 4.18 5.08 31.31
O2 SO4 K . 5.30 6.74 30.09
O3 SO4 K . 5.17 4.57 29.22
O4 SO4 K . 3.26 5.91 29.30
S SO4 L . 10.19 3.11 4.21
S SO4 L . 8.29 3.19 2.83
O1 SO4 L . 11.57 2.80 4.37
O1 SO4 L . 6.88 3.16 2.62
O2 SO4 L . 9.55 3.22 5.49
O2 SO4 L . 8.61 3.35 4.22
O3 SO4 L . 9.56 2.07 3.46
O3 SO4 L . 8.87 1.95 2.38
O4 SO4 L . 10.09 4.36 3.50
O4 SO4 L . 8.87 4.27 2.11
C1 EDO M . 11.49 -13.11 11.95
O1 EDO M . 11.71 -14.26 11.20
C2 EDO M . 10.68 -12.12 11.21
O2 EDO M . 9.92 -12.70 10.14
C1 EDO N . 1.40 12.86 0.45
O1 EDO N . 2.25 13.82 0.02
C2 EDO N . 1.50 11.55 -0.19
O2 EDO N . 0.31 11.15 -0.79
C1 EDO O . 11.73 -3.18 3.98
O1 EDO O . 11.77 -2.18 5.01
C2 EDO O . 11.98 -4.59 4.38
O2 EDO O . 13.29 -4.84 4.87
C1 EDO P . 11.95 -18.72 13.74
O1 EDO P . 12.48 -19.98 14.04
C2 EDO P . 11.83 -17.84 14.93
O2 EDO P . 11.80 -18.56 16.13
C1 EDO Q . -5.97 14.38 3.14
O1 EDO Q . -5.19 15.52 2.79
C2 EDO Q . -7.43 14.60 3.15
O2 EDO Q . -7.79 15.94 2.90
S DMS R . 10.78 23.60 5.08
O DMS R . 9.92 22.37 4.96
C1 DMS R . 10.53 24.30 6.69
C2 DMS R . 12.48 23.08 5.21
N1 E7K S . 9.33 -4.63 -2.10
N3 E7K S . 17.50 -6.45 1.12
C4 E7K S . 11.54 -5.74 -2.41
C5 E7K S . 11.16 -6.33 0.54
C6 E7K S . 10.66 -7.41 1.33
C7 E7K S . 11.54 -8.12 2.19
C8 E7K S . 12.88 -7.80 2.26
C10 E7K S . 15.00 -7.76 3.50
C13 E7K S . 12.50 -5.99 0.61
C15 E7K S . 18.89 -6.56 1.21
C17 E7K S . 20.86 -7.54 2.42
C20 E7K S . 22.92 -7.20 5.54
C21 E7K S . 22.22 -6.19 6.28
C22 E7K S . 21.13 -5.56 5.74
C24 E7K S . 23.50 -6.59 8.35
C26 E7K S . 22.84 -4.78 9.38
C3 E7K S . 10.38 -5.30 -1.64
C1 E7K S . 8.48 -4.48 -1.00
C E7K S . 7.20 -3.77 -1.08
N E7K S . 10.24 -5.60 -0.27
C2 E7K S . 9.02 -5.08 0.15
C12 E7K S . 13.35 -6.71 1.46
C11 E7K S . 14.78 -6.31 1.43
N2 E7K S . 15.60 -7.18 2.26
C9 E7K S . 13.81 -8.58 3.10
C14 E7K S . 16.97 -7.10 2.10
S E7K S . 18.07 -7.94 3.12
C16 E7K S . 19.39 -7.32 2.20
C18 E7K S . 21.32 -7.00 3.78
C23 E7K S . 20.65 -5.93 4.49
C19 E7K S . 22.43 -7.57 4.33
N4 E7K S . 22.66 -5.84 7.53
N5 E7K S . 22.22 -4.73 8.20
C25 E7K S . 23.63 -5.95 9.53
#